data_2JM4
#
_entry.id   2JM4
#
loop_
_entity.id
_entity.type
_entity.pdbx_description
1 polymer 'Relaxin receptor 1'
2 non-polymer 'CALCIUM ION'
#
_entity_poly.entity_id   1
_entity_poly.type   'polypeptide(L)'
_entity_poly.pdbx_seq_one_letter_code
;GSQDVKCSLGYFPCGNITKCLPQLLHCNGVDDCGNQADEDNCG
;
_entity_poly.pdbx_strand_id   A
#
# COMPACT_ATOMS: atom_id res chain seq x y z
N GLY A 1 -6.10 -21.21 5.11
CA GLY A 1 -5.02 -21.55 4.09
C GLY A 1 -4.43 -20.47 3.25
N SER A 2 -5.18 -19.43 3.00
CA SER A 2 -4.66 -18.32 2.16
C SER A 2 -3.48 -17.66 2.88
N GLN A 3 -2.55 -17.13 2.15
CA GLN A 3 -1.38 -16.45 2.80
C GLN A 3 -1.06 -15.16 2.06
N ASP A 4 -0.44 -14.22 2.72
CA ASP A 4 -0.09 -12.93 2.06
C ASP A 4 -1.35 -12.35 1.41
N VAL A 5 -2.44 -12.30 2.13
CA VAL A 5 -3.70 -11.75 1.55
C VAL A 5 -4.03 -10.42 2.24
N LYS A 6 -4.24 -9.39 1.47
CA LYS A 6 -4.57 -8.07 2.08
C LYS A 6 -3.54 -7.75 3.17
N CYS A 7 -3.66 -6.61 3.81
CA CYS A 7 -2.70 -6.24 4.87
C CYS A 7 -3.41 -6.22 6.22
N SER A 8 -2.67 -6.26 7.30
CA SER A 8 -3.31 -6.24 8.64
C SER A 8 -4.01 -4.89 8.85
N LEU A 9 -4.71 -4.74 9.95
CA LEU A 9 -5.42 -3.45 10.21
C LEU A 9 -4.39 -2.33 10.39
N GLY A 10 -4.68 -1.17 9.89
CA GLY A 10 -3.72 -0.04 10.02
C GLY A 10 -2.71 -0.07 8.88
N TYR A 11 -2.87 -1.01 7.97
CA TYR A 11 -1.92 -1.10 6.82
C TYR A 11 -2.70 -1.45 5.55
N PHE A 12 -2.16 -1.13 4.41
CA PHE A 12 -2.86 -1.45 3.13
C PHE A 12 -1.84 -1.91 2.09
N PRO A 13 -2.24 -2.83 1.25
CA PRO A 13 -1.36 -3.37 0.17
C PRO A 13 -1.17 -2.38 -0.98
N CYS A 14 -0.02 -2.38 -1.60
CA CYS A 14 0.22 -1.44 -2.72
C CYS A 14 -0.61 -1.87 -3.93
N GLY A 15 -1.00 -3.12 -3.98
CA GLY A 15 -1.81 -3.60 -5.14
C GLY A 15 -1.48 -5.06 -5.43
N ASN A 16 -0.93 -5.34 -6.59
CA ASN A 16 -0.58 -6.74 -6.92
C ASN A 16 0.84 -7.04 -6.42
N ILE A 17 1.40 -6.16 -5.63
CA ILE A 17 2.78 -6.39 -5.12
C ILE A 17 2.71 -6.86 -3.66
N THR A 18 3.51 -7.82 -3.29
CA THR A 18 3.49 -8.30 -1.89
C THR A 18 4.16 -7.27 -0.98
N LYS A 19 3.40 -6.40 -0.39
CA LYS A 19 4.00 -5.37 0.49
C LYS A 19 2.88 -4.60 1.21
N CYS A 20 3.11 -4.18 2.43
CA CYS A 20 2.07 -3.43 3.17
C CYS A 20 2.72 -2.23 3.87
N LEU A 21 2.05 -1.12 3.92
CA LEU A 21 2.63 0.08 4.58
C LEU A 21 1.53 0.79 5.38
N PRO A 22 1.90 1.43 6.46
CA PRO A 22 0.95 2.17 7.33
C PRO A 22 0.26 3.32 6.59
N GLN A 23 -0.92 3.70 7.02
CA GLN A 23 -1.64 4.80 6.35
C GLN A 23 -0.78 6.06 6.35
N LEU A 24 0.17 6.14 7.26
CA LEU A 24 1.03 7.36 7.33
C LEU A 24 1.73 7.56 5.98
N LEU A 25 2.12 6.50 5.34
CA LEU A 25 2.81 6.64 4.03
C LEU A 25 1.79 6.59 2.89
N HIS A 26 0.52 6.55 3.22
CA HIS A 26 -0.52 6.50 2.16
C HIS A 26 -0.74 7.89 1.59
N CYS A 27 -0.54 8.07 0.32
CA CYS A 27 -0.74 9.42 -0.29
C CYS A 27 0.05 10.46 0.49
N ASN A 28 1.19 10.09 1.01
CA ASN A 28 2.00 11.06 1.79
C ASN A 28 2.97 11.78 0.85
N GLY A 29 2.86 11.54 -0.43
CA GLY A 29 3.77 12.21 -1.39
C GLY A 29 5.18 11.62 -1.28
N VAL A 30 5.27 10.34 -1.07
CA VAL A 30 6.62 9.70 -0.96
C VAL A 30 6.64 8.39 -1.76
N ASP A 31 7.72 8.14 -2.45
CA ASP A 31 7.80 6.87 -3.24
C ASP A 31 8.15 5.71 -2.32
N ASP A 32 7.32 4.70 -2.30
CA ASP A 32 7.59 3.53 -1.41
C ASP A 32 7.10 2.24 -2.09
N CYS A 33 5.87 2.22 -2.53
CA CYS A 33 5.34 1.01 -3.20
C CYS A 33 6.22 0.67 -4.40
N GLY A 34 6.87 1.65 -4.99
CA GLY A 34 7.73 1.39 -6.16
C GLY A 34 6.93 1.63 -7.45
N ASN A 35 5.76 1.05 -7.55
CA ASN A 35 4.93 1.24 -8.77
C ASN A 35 4.10 2.52 -8.62
N GLN A 36 4.35 3.29 -7.60
CA GLN A 36 3.57 4.54 -7.40
C GLN A 36 2.07 4.22 -7.41
N ALA A 37 1.70 3.07 -6.92
CA ALA A 37 0.26 2.70 -6.90
C ALA A 37 -0.44 3.47 -5.78
N ASP A 38 0.19 3.59 -4.64
CA ASP A 38 -0.44 4.32 -3.51
C ASP A 38 -0.62 5.79 -3.90
N GLU A 39 0.25 6.31 -4.71
CA GLU A 39 0.12 7.75 -5.12
C GLU A 39 -0.65 7.83 -6.44
N ASP A 40 -1.35 6.78 -6.79
CA ASP A 40 -2.11 6.80 -8.07
C ASP A 40 -3.45 7.51 -7.85
N ASN A 41 -3.63 8.66 -8.45
CA ASN A 41 -4.92 9.39 -8.29
C ASN A 41 -5.38 9.29 -6.83
N CYS A 42 -4.57 9.72 -5.91
CA CYS A 42 -4.96 9.65 -4.47
C CYS A 42 -6.25 10.45 -4.27
N GLY A 43 -6.43 11.51 -5.02
CA GLY A 43 -7.66 12.33 -4.86
C GLY A 43 -7.51 13.26 -3.65
N GLY A 1 -4.90 -15.87 10.79
CA GLY A 1 -5.48 -15.13 9.59
C GLY A 1 -6.31 -15.86 8.60
N SER A 2 -6.03 -17.12 8.39
CA SER A 2 -6.82 -17.91 7.41
C SER A 2 -6.94 -17.12 6.10
N GLN A 3 -6.06 -17.36 5.17
CA GLN A 3 -6.12 -16.62 3.87
C GLN A 3 -6.33 -15.13 4.15
N ASP A 4 -7.45 -14.60 3.74
CA ASP A 4 -7.70 -13.15 3.98
C ASP A 4 -6.53 -12.32 3.45
N VAL A 5 -5.91 -11.54 4.29
CA VAL A 5 -4.76 -10.72 3.83
C VAL A 5 -3.62 -10.80 4.85
N LYS A 6 -2.40 -10.77 4.41
CA LYS A 6 -1.26 -10.86 5.35
C LYS A 6 -0.99 -9.47 5.94
N CYS A 7 -1.83 -8.51 5.67
CA CYS A 7 -1.62 -7.15 6.21
C CYS A 7 -2.51 -6.96 7.45
N SER A 8 -1.95 -6.41 8.50
CA SER A 8 -2.76 -6.21 9.73
C SER A 8 -3.64 -4.98 9.57
N LEU A 9 -4.35 -4.60 10.61
CA LEU A 9 -5.23 -3.40 10.50
C LEU A 9 -4.38 -2.13 10.52
N GLY A 10 -4.77 -1.14 9.77
CA GLY A 10 -3.97 0.12 9.73
C GLY A 10 -2.97 0.05 8.58
N TYR A 11 -3.01 -0.99 7.79
CA TYR A 11 -2.05 -1.11 6.65
C TYR A 11 -2.84 -1.40 5.37
N PHE A 12 -2.27 -1.07 4.24
CA PHE A 12 -2.98 -1.32 2.96
C PHE A 12 -1.97 -1.78 1.89
N PRO A 13 -2.38 -2.65 1.01
CA PRO A 13 -1.52 -3.18 -0.07
C PRO A 13 -1.27 -2.14 -1.17
N CYS A 14 -0.11 -2.14 -1.76
CA CYS A 14 0.18 -1.16 -2.84
C CYS A 14 -0.68 -1.46 -4.06
N GLY A 15 -1.13 -2.69 -4.19
CA GLY A 15 -1.98 -3.05 -5.36
C GLY A 15 -1.71 -4.51 -5.75
N ASN A 16 -1.08 -4.72 -6.87
CA ASN A 16 -0.79 -6.12 -7.30
C ASN A 16 0.54 -6.57 -6.69
N ILE A 17 1.08 -5.80 -5.80
CA ILE A 17 2.38 -6.17 -5.16
C ILE A 17 2.12 -6.69 -3.74
N THR A 18 2.79 -7.74 -3.35
CA THR A 18 2.59 -8.28 -1.98
C THR A 18 3.31 -7.39 -0.96
N LYS A 19 2.93 -6.14 -0.90
CA LYS A 19 3.60 -5.22 0.08
C LYS A 19 2.55 -4.32 0.72
N CYS A 20 2.57 -4.23 2.03
CA CYS A 20 1.57 -3.37 2.73
C CYS A 20 2.32 -2.31 3.54
N LEU A 21 1.80 -1.12 3.63
CA LEU A 21 2.50 -0.06 4.41
C LEU A 21 1.47 0.74 5.21
N PRO A 22 1.88 1.28 6.33
CA PRO A 22 0.99 2.11 7.19
C PRO A 22 0.20 3.14 6.38
N GLN A 23 -0.99 3.46 6.82
CA GLN A 23 -1.81 4.46 6.07
C GLN A 23 -1.06 5.80 6.02
N LEU A 24 -0.18 6.04 6.95
CA LEU A 24 0.57 7.32 6.96
C LEU A 24 1.29 7.49 5.62
N LEU A 25 1.80 6.43 5.06
CA LEU A 25 2.52 6.54 3.77
C LEU A 25 1.51 6.46 2.62
N HIS A 26 0.25 6.58 2.92
CA HIS A 26 -0.78 6.51 1.84
C HIS A 26 -0.90 7.88 1.16
N CYS A 27 -0.54 7.95 -0.08
CA CYS A 27 -0.63 9.26 -0.80
C CYS A 27 0.06 10.35 0.01
N ASN A 28 1.18 10.03 0.62
CA ASN A 28 1.90 11.05 1.44
C ASN A 28 2.92 11.77 0.56
N GLY A 29 2.94 11.50 -0.71
CA GLY A 29 3.91 12.17 -1.61
C GLY A 29 5.31 11.58 -1.38
N VAL A 30 5.38 10.32 -1.06
CA VAL A 30 6.71 9.69 -0.82
C VAL A 30 6.80 8.38 -1.60
N ASP A 31 7.92 8.12 -2.23
CA ASP A 31 8.08 6.85 -2.99
C ASP A 31 8.37 5.70 -2.03
N ASP A 32 7.57 4.67 -2.06
CA ASP A 32 7.79 3.51 -1.15
C ASP A 32 7.36 2.22 -1.84
N CYS A 33 6.15 2.17 -2.33
CA CYS A 33 5.68 0.94 -3.02
C CYS A 33 6.59 0.65 -4.22
N GLY A 34 7.24 1.65 -4.74
CA GLY A 34 8.13 1.43 -5.91
C GLY A 34 7.37 1.75 -7.20
N ASN A 35 6.23 1.17 -7.38
CA ASN A 35 5.43 1.44 -8.61
C ASN A 35 4.58 2.69 -8.40
N GLN A 36 4.77 3.38 -7.32
CA GLN A 36 3.97 4.61 -7.05
C GLN A 36 2.49 4.28 -7.17
N ALA A 37 2.11 3.07 -6.83
CA ALA A 37 0.66 2.70 -6.91
C ALA A 37 -0.11 3.38 -5.78
N ASP A 38 0.50 3.50 -4.62
CA ASP A 38 -0.20 4.16 -3.48
C ASP A 38 -0.51 5.61 -3.84
N GLU A 39 0.33 6.22 -4.64
CA GLU A 39 0.09 7.64 -5.02
C GLU A 39 -0.98 7.71 -6.10
N ASP A 40 -1.55 6.58 -6.47
CA ASP A 40 -2.60 6.58 -7.51
C ASP A 40 -3.83 7.35 -7.01
N ASN A 41 -4.64 7.84 -7.90
CA ASN A 41 -5.85 8.60 -7.48
C ASN A 41 -5.49 9.52 -6.31
N CYS A 42 -4.41 10.23 -6.42
CA CYS A 42 -4.00 11.15 -5.33
C CYS A 42 -3.21 12.32 -5.91
N GLY A 43 -2.97 12.31 -7.18
CA GLY A 43 -2.20 13.42 -7.81
C GLY A 43 -0.71 13.27 -7.47
N GLY A 1 -7.48 -8.52 1.67
CA GLY A 1 -8.80 -8.02 1.09
C GLY A 1 -9.00 -8.01 -0.38
N SER A 2 -7.96 -7.86 -1.14
CA SER A 2 -8.10 -7.86 -2.62
C SER A 2 -8.68 -9.18 -3.09
N GLN A 3 -8.24 -10.28 -2.52
CA GLN A 3 -8.77 -11.60 -2.92
C GLN A 3 -8.24 -12.68 -1.99
N ASP A 4 -6.95 -12.73 -1.79
CA ASP A 4 -6.37 -13.77 -0.88
C ASP A 4 -5.24 -13.15 -0.07
N VAL A 5 -5.06 -11.85 -0.16
CA VAL A 5 -3.97 -11.20 0.61
C VAL A 5 -4.54 -10.60 1.90
N LYS A 6 -3.83 -10.76 2.99
CA LYS A 6 -4.34 -10.21 4.28
C LYS A 6 -3.20 -9.52 5.02
N CYS A 7 -3.42 -8.31 5.48
CA CYS A 7 -2.33 -7.58 6.20
C CYS A 7 -2.86 -7.14 7.57
N SER A 8 -1.99 -6.73 8.45
CA SER A 8 -2.43 -6.30 9.80
C SER A 8 -3.47 -5.18 9.66
N LEU A 9 -4.21 -4.91 10.71
CA LEU A 9 -5.23 -3.84 10.63
C LEU A 9 -4.54 -2.48 10.54
N GLY A 10 -5.05 -1.59 9.72
CA GLY A 10 -4.42 -0.25 9.58
C GLY A 10 -3.39 -0.30 8.45
N TYR A 11 -3.30 -1.39 7.75
CA TYR A 11 -2.33 -1.49 6.63
C TYR A 11 -3.04 -1.96 5.36
N PHE A 12 -2.51 -1.62 4.22
CA PHE A 12 -3.17 -2.04 2.94
C PHE A 12 -2.10 -2.35 1.91
N PRO A 13 -2.36 -3.30 1.04
CA PRO A 13 -1.41 -3.71 -0.02
C PRO A 13 -1.28 -2.65 -1.11
N CYS A 14 -0.10 -2.50 -1.67
CA CYS A 14 0.10 -1.49 -2.74
C CYS A 14 -0.76 -1.85 -3.96
N GLY A 15 -1.07 -3.10 -4.12
CA GLY A 15 -1.90 -3.51 -5.29
C GLY A 15 -1.47 -4.91 -5.76
N ASN A 16 -0.68 -4.97 -6.79
CA ASN A 16 -0.22 -6.30 -7.28
C ASN A 16 1.14 -6.64 -6.65
N ILE A 17 1.56 -5.87 -5.69
CA ILE A 17 2.87 -6.14 -5.04
C ILE A 17 2.64 -6.72 -3.64
N THR A 18 3.39 -7.73 -3.27
CA THR A 18 3.22 -8.33 -1.92
C THR A 18 3.83 -7.40 -0.87
N LYS A 19 3.32 -6.20 -0.75
CA LYS A 19 3.87 -5.25 0.26
C LYS A 19 2.74 -4.44 0.88
N CYS A 20 2.71 -4.34 2.17
CA CYS A 20 1.63 -3.57 2.84
C CYS A 20 2.25 -2.38 3.60
N LEU A 21 1.58 -1.26 3.61
CA LEU A 21 2.12 -0.08 4.33
C LEU A 21 0.99 0.63 5.06
N PRO A 22 1.30 1.26 6.17
CA PRO A 22 0.30 1.99 7.00
C PRO A 22 -0.23 3.24 6.28
N GLN A 23 -1.41 3.66 6.62
CA GLN A 23 -2.00 4.86 5.96
C GLN A 23 -1.05 6.05 6.11
N LEU A 24 -0.20 6.01 7.10
CA LEU A 24 0.74 7.15 7.32
C LEU A 24 1.52 7.42 6.03
N LEU A 25 1.84 6.38 5.30
CA LEU A 25 2.60 6.59 4.04
C LEU A 25 1.63 6.76 2.87
N HIS A 26 0.38 7.03 3.16
CA HIS A 26 -0.61 7.21 2.06
C HIS A 26 -0.57 8.66 1.56
N CYS A 27 -0.35 8.85 0.29
CA CYS A 27 -0.30 10.23 -0.26
C CYS A 27 0.67 11.08 0.58
N ASN A 28 1.93 11.07 0.24
CA ASN A 28 2.91 11.88 1.00
C ASN A 28 3.97 12.43 0.05
N GLY A 29 3.82 12.18 -1.23
CA GLY A 29 4.82 12.69 -2.21
C GLY A 29 6.06 11.80 -2.19
N VAL A 30 5.96 10.63 -1.62
CA VAL A 30 7.13 9.71 -1.57
C VAL A 30 6.75 8.37 -2.20
N ASP A 31 7.60 7.84 -3.04
CA ASP A 31 7.30 6.53 -3.68
C ASP A 31 7.86 5.39 -2.82
N ASP A 32 7.01 4.73 -2.07
CA ASP A 32 7.49 3.60 -1.22
C ASP A 32 7.22 2.28 -1.94
N CYS A 33 6.00 2.05 -2.34
CA CYS A 33 5.68 0.78 -3.04
C CYS A 33 6.56 0.65 -4.28
N GLY A 34 7.09 1.74 -4.76
CA GLY A 34 7.95 1.68 -5.98
C GLY A 34 7.11 1.97 -7.22
N ASN A 35 5.94 1.40 -7.31
CA ASN A 35 5.08 1.65 -8.49
C ASN A 35 4.20 2.88 -8.24
N GLN A 36 4.43 3.57 -7.16
CA GLN A 36 3.62 4.77 -6.86
C GLN A 36 2.13 4.42 -6.93
N ALA A 37 1.77 3.23 -6.56
CA ALA A 37 0.35 2.83 -6.60
C ALA A 37 -0.43 3.54 -5.49
N ASP A 38 0.17 3.68 -4.34
CA ASP A 38 -0.53 4.37 -3.21
C ASP A 38 -0.76 5.83 -3.58
N GLU A 39 0.13 6.40 -4.35
CA GLU A 39 -0.04 7.84 -4.74
C GLU A 39 -1.08 7.94 -5.86
N ASP A 40 -1.20 6.92 -6.66
CA ASP A 40 -2.20 6.96 -7.78
C ASP A 40 -3.58 6.61 -7.24
N ASN A 41 -3.99 7.24 -6.18
CA ASN A 41 -5.34 6.96 -5.61
C ASN A 41 -5.65 7.94 -4.49
N CYS A 42 -5.00 9.09 -4.50
CA CYS A 42 -5.26 10.09 -3.43
C CYS A 42 -6.65 10.68 -3.62
N GLY A 43 -7.19 10.60 -4.81
CA GLY A 43 -8.55 11.15 -5.05
C GLY A 43 -9.11 10.58 -6.36
N GLY A 1 -9.09 -19.74 -3.53
CA GLY A 1 -8.69 -20.62 -2.35
C GLY A 1 -7.26 -20.71 -1.95
N SER A 2 -7.00 -21.14 -0.74
CA SER A 2 -5.59 -21.24 -0.28
C SER A 2 -4.84 -19.94 -0.59
N GLN A 3 -3.58 -19.88 -0.27
CA GLN A 3 -2.80 -18.64 -0.53
C GLN A 3 -3.53 -17.45 0.08
N ASP A 4 -3.98 -17.57 1.30
CA ASP A 4 -4.69 -16.45 1.96
C ASP A 4 -3.68 -15.53 2.64
N VAL A 5 -3.64 -14.28 2.25
CA VAL A 5 -2.67 -13.34 2.87
C VAL A 5 -3.43 -12.15 3.45
N LYS A 6 -3.08 -11.73 4.64
CA LYS A 6 -3.77 -10.56 5.25
C LYS A 6 -2.75 -9.66 5.95
N CYS A 7 -3.02 -8.39 6.05
CA CYS A 7 -2.07 -7.47 6.73
C CYS A 7 -2.69 -6.94 8.01
N SER A 8 -1.90 -6.42 8.91
CA SER A 8 -2.45 -5.89 10.18
C SER A 8 -3.48 -4.80 9.88
N LEU A 9 -4.27 -4.42 10.84
CA LEU A 9 -5.29 -3.36 10.60
C LEU A 9 -4.60 -2.00 10.46
N GLY A 10 -5.08 -1.18 9.58
CA GLY A 10 -4.45 0.16 9.39
C GLY A 10 -3.40 0.08 8.27
N TYR A 11 -3.28 -1.06 7.65
CA TYR A 11 -2.29 -1.20 6.54
C TYR A 11 -3.00 -1.62 5.26
N PHE A 12 -2.49 -1.23 4.12
CA PHE A 12 -3.14 -1.61 2.84
C PHE A 12 -2.08 -2.01 1.82
N PRO A 13 -2.38 -2.95 0.97
CA PRO A 13 -1.44 -3.42 -0.08
C PRO A 13 -1.25 -2.41 -1.20
N CYS A 14 -0.07 -2.31 -1.75
CA CYS A 14 0.17 -1.34 -2.85
C CYS A 14 -0.69 -1.72 -4.06
N GLY A 15 -0.95 -2.99 -4.23
CA GLY A 15 -1.78 -3.42 -5.40
C GLY A 15 -1.36 -4.82 -5.83
N ASN A 16 -0.70 -4.94 -6.95
CA ASN A 16 -0.26 -6.28 -7.41
C ASN A 16 1.08 -6.63 -6.79
N ILE A 17 1.55 -5.82 -5.88
CA ILE A 17 2.87 -6.09 -5.23
C ILE A 17 2.63 -6.75 -3.87
N THR A 18 3.42 -7.72 -3.52
CA THR A 18 3.25 -8.40 -2.21
C THR A 18 3.88 -7.55 -1.10
N LYS A 19 3.12 -6.66 -0.52
CA LYS A 19 3.69 -5.80 0.57
C LYS A 19 2.56 -5.00 1.21
N CYS A 20 2.81 -4.40 2.34
CA CYS A 20 1.76 -3.59 3.02
C CYS A 20 2.42 -2.37 3.67
N LEU A 21 1.75 -1.24 3.65
CA LEU A 21 2.33 -0.03 4.29
C LEU A 21 1.25 0.70 5.09
N PRO A 22 1.65 1.35 6.15
CA PRO A 22 0.70 2.11 7.03
C PRO A 22 0.04 3.28 6.30
N GLN A 23 -1.13 3.67 6.72
CA GLN A 23 -1.82 4.80 6.05
C GLN A 23 -0.92 6.04 6.07
N LEU A 24 0.00 6.10 6.99
CA LEU A 24 0.90 7.28 7.07
C LEU A 24 1.61 7.48 5.73
N LEU A 25 1.93 6.42 5.05
CA LEU A 25 2.63 6.54 3.75
C LEU A 25 1.60 6.55 2.61
N HIS A 26 0.35 6.71 2.93
CA HIS A 26 -0.70 6.72 1.87
C HIS A 26 -0.78 8.13 1.26
N CYS A 27 -0.48 8.26 0.00
CA CYS A 27 -0.54 9.60 -0.65
C CYS A 27 0.23 10.61 0.19
N ASN A 28 1.30 10.20 0.81
CA ASN A 28 2.10 11.14 1.65
C ASN A 28 3.16 11.81 0.78
N GLY A 29 3.12 11.58 -0.50
CA GLY A 29 4.13 12.22 -1.41
C GLY A 29 5.50 11.55 -1.20
N VAL A 30 5.51 10.27 -1.00
CA VAL A 30 6.81 9.56 -0.79
C VAL A 30 6.83 8.28 -1.63
N ASP A 31 7.94 7.99 -2.26
CA ASP A 31 8.02 6.77 -3.09
C ASP A 31 8.29 5.56 -2.19
N ASP A 32 7.43 4.57 -2.22
CA ASP A 32 7.63 3.38 -1.37
C ASP A 32 7.14 2.13 -2.11
N CYS A 33 5.92 2.15 -2.57
CA CYS A 33 5.39 0.97 -3.31
C CYS A 33 6.27 0.68 -4.51
N GLY A 34 6.98 1.66 -5.00
CA GLY A 34 7.86 1.44 -6.19
C GLY A 34 7.11 1.80 -7.46
N ASN A 35 5.94 1.27 -7.64
CA ASN A 35 5.15 1.60 -8.87
C ASN A 35 4.30 2.85 -8.60
N GLN A 36 4.53 3.51 -7.50
CA GLN A 36 3.73 4.73 -7.19
C GLN A 36 2.24 4.40 -7.25
N ALA A 37 1.88 3.20 -6.89
CA ALA A 37 0.44 2.82 -6.91
C ALA A 37 -0.29 3.53 -5.78
N ASP A 38 0.33 3.64 -4.64
CA ASP A 38 -0.34 4.31 -3.49
C ASP A 38 -0.56 5.80 -3.83
N GLU A 39 0.31 6.37 -4.61
CA GLU A 39 0.16 7.81 -4.97
C GLU A 39 -0.89 7.95 -6.07
N ASP A 40 -1.61 6.90 -6.38
CA ASP A 40 -2.63 6.97 -7.44
C ASP A 40 -3.67 8.03 -7.07
N ASN A 41 -4.19 8.74 -8.03
CA ASN A 41 -5.20 9.78 -7.73
C ASN A 41 -4.79 10.56 -6.48
N CYS A 42 -3.53 10.90 -6.39
CA CYS A 42 -3.05 11.67 -5.20
C CYS A 42 -1.96 12.65 -5.62
N GLY A 43 -1.18 12.30 -6.61
CA GLY A 43 -0.11 13.22 -7.07
C GLY A 43 1.09 13.12 -6.12
N GLY A 1 -2.66 -22.55 0.40
CA GLY A 1 -2.18 -21.91 -0.90
C GLY A 1 -0.72 -21.70 -1.12
N SER A 2 -0.27 -21.83 -2.34
CA SER A 2 1.18 -21.64 -2.62
C SER A 2 1.61 -20.23 -2.17
N GLN A 3 0.75 -19.26 -2.35
CA GLN A 3 1.12 -17.88 -1.92
C GLN A 3 -0.15 -17.13 -1.51
N ASP A 4 -0.01 -16.08 -0.75
CA ASP A 4 -1.20 -15.30 -0.31
C ASP A 4 -0.76 -13.95 0.23
N VAL A 5 -1.66 -13.00 0.32
CA VAL A 5 -1.29 -11.66 0.83
C VAL A 5 -1.71 -11.55 2.30
N LYS A 6 -0.85 -11.03 3.14
CA LYS A 6 -1.19 -10.89 4.58
C LYS A 6 -0.64 -9.58 5.13
N CYS A 7 -1.46 -8.78 5.73
CA CYS A 7 -0.98 -7.48 6.28
C CYS A 7 -1.70 -7.20 7.60
N SER A 8 -1.01 -6.63 8.56
CA SER A 8 -1.66 -6.35 9.87
C SER A 8 -2.75 -5.29 9.68
N LEU A 9 -3.47 -4.98 10.73
CA LEU A 9 -4.55 -3.96 10.61
C LEU A 9 -3.93 -2.56 10.55
N GLY A 10 -4.49 -1.68 9.78
CA GLY A 10 -3.93 -0.30 9.68
C GLY A 10 -2.98 -0.23 8.48
N TYR A 11 -2.77 -1.32 7.81
CA TYR A 11 -1.86 -1.31 6.63
C TYR A 11 -2.66 -1.64 5.36
N PHE A 12 -2.44 -0.91 4.31
CA PHE A 12 -3.19 -1.19 3.05
C PHE A 12 -2.22 -1.68 1.97
N PRO A 13 -2.69 -2.55 1.12
CA PRO A 13 -1.86 -3.10 0.00
C PRO A 13 -1.63 -2.08 -1.11
N CYS A 14 -0.43 -2.02 -1.63
CA CYS A 14 -0.13 -1.05 -2.72
C CYS A 14 -0.95 -1.42 -3.96
N GLY A 15 -1.56 -2.58 -3.97
CA GLY A 15 -2.36 -2.98 -5.15
C GLY A 15 -2.10 -4.47 -5.45
N ASN A 16 -1.69 -4.78 -6.65
CA ASN A 16 -1.42 -6.20 -6.99
C ASN A 16 -0.02 -6.59 -6.52
N ILE A 17 0.59 -5.76 -5.72
CA ILE A 17 1.97 -6.07 -5.24
C ILE A 17 1.88 -6.62 -3.81
N THR A 18 2.68 -7.61 -3.50
CA THR A 18 2.65 -8.19 -2.13
C THR A 18 3.40 -7.26 -1.17
N LYS A 19 2.76 -6.20 -0.74
CA LYS A 19 3.45 -5.26 0.19
C LYS A 19 2.42 -4.24 0.73
N CYS A 20 2.27 -4.18 2.02
CA CYS A 20 1.29 -3.22 2.60
C CYS A 20 2.06 -2.15 3.38
N LEU A 21 1.53 -0.96 3.48
CA LEU A 21 2.24 0.12 4.21
C LEU A 21 1.24 0.91 5.05
N PRO A 22 1.69 1.47 6.14
CA PRO A 22 0.83 2.30 7.03
C PRO A 22 -0.02 3.31 6.27
N GLN A 23 -1.20 3.60 6.73
CA GLN A 23 -2.06 4.58 6.02
C GLN A 23 -1.36 5.93 5.95
N LEU A 24 -0.49 6.20 6.89
CA LEU A 24 0.23 7.51 6.88
C LEU A 24 1.02 7.64 5.58
N LEU A 25 1.56 6.56 5.08
CA LEU A 25 2.34 6.63 3.81
C LEU A 25 1.39 6.55 2.62
N HIS A 26 0.11 6.65 2.86
CA HIS A 26 -0.86 6.57 1.74
C HIS A 26 -0.92 7.92 1.02
N CYS A 27 -0.62 7.95 -0.25
CA CYS A 27 -0.68 9.23 -1.00
C CYS A 27 0.04 10.33 -0.20
N ASN A 28 1.12 9.98 0.45
CA ASN A 28 1.86 11.00 1.26
C ASN A 28 2.92 11.67 0.38
N GLY A 29 2.93 11.36 -0.90
CA GLY A 29 3.93 11.99 -1.80
C GLY A 29 5.31 11.37 -1.55
N VAL A 30 5.35 10.11 -1.19
CA VAL A 30 6.66 9.45 -0.94
C VAL A 30 6.71 8.11 -1.69
N ASP A 31 7.81 7.81 -2.31
CA ASP A 31 7.93 6.52 -3.05
C ASP A 31 8.29 5.41 -2.08
N ASP A 32 7.37 4.52 -1.81
CA ASP A 32 7.66 3.40 -0.87
C ASP A 32 7.17 2.09 -1.47
N CYS A 33 6.00 2.09 -2.05
CA CYS A 33 5.47 0.84 -2.67
C CYS A 33 6.50 0.29 -3.66
N GLY A 34 7.35 1.13 -4.18
CA GLY A 34 8.39 0.67 -5.14
C GLY A 34 8.04 1.17 -6.55
N ASN A 35 6.93 1.83 -6.69
CA ASN A 35 6.54 2.35 -8.03
C ASN A 35 5.75 3.65 -7.87
N GLN A 36 4.44 3.55 -7.82
CA GLN A 36 3.61 4.77 -7.67
C GLN A 36 2.13 4.36 -7.55
N ALA A 37 1.87 3.16 -7.15
CA ALA A 37 0.46 2.70 -7.02
C ALA A 37 -0.23 3.48 -5.88
N ASP A 38 0.43 3.60 -4.76
CA ASP A 38 -0.19 4.34 -3.63
C ASP A 38 -0.30 5.82 -3.98
N GLU A 39 0.59 6.32 -4.79
CA GLU A 39 0.53 7.76 -5.18
C GLU A 39 -0.35 7.92 -6.41
N ASP A 40 -1.15 6.92 -6.70
CA ASP A 40 -2.04 7.02 -7.90
C ASP A 40 -2.89 8.29 -7.79
N ASN A 41 -3.84 8.45 -8.66
CA ASN A 41 -4.70 9.67 -8.62
C ASN A 41 -5.17 9.90 -7.18
N CYS A 42 -5.14 8.88 -6.36
CA CYS A 42 -5.58 9.04 -4.95
C CYS A 42 -6.96 9.70 -4.92
N GLY A 43 -7.99 8.96 -5.20
CA GLY A 43 -9.36 9.55 -5.19
C GLY A 43 -9.85 9.68 -3.74
N GLY A 1 -9.75 -18.19 5.59
CA GLY A 1 -8.66 -18.16 6.66
C GLY A 1 -7.47 -19.06 6.51
N SER A 2 -7.58 -20.08 5.71
CA SER A 2 -6.43 -21.01 5.53
C SER A 2 -5.23 -20.21 4.99
N GLN A 3 -5.48 -19.23 4.16
CA GLN A 3 -4.36 -18.42 3.60
C GLN A 3 -3.65 -17.69 4.74
N ASP A 4 -2.39 -17.41 4.57
CA ASP A 4 -1.63 -16.70 5.64
C ASP A 4 -2.35 -15.40 6.00
N VAL A 5 -2.23 -14.95 7.22
CA VAL A 5 -2.92 -13.70 7.63
C VAL A 5 -2.59 -12.58 6.63
N LYS A 6 -3.57 -11.83 6.22
CA LYS A 6 -3.31 -10.73 5.25
C LYS A 6 -2.35 -9.72 5.86
N CYS A 7 -2.71 -8.45 5.86
CA CYS A 7 -1.82 -7.43 6.44
C CYS A 7 -2.40 -6.96 7.78
N SER A 8 -1.58 -6.38 8.63
CA SER A 8 -2.09 -5.92 9.94
C SER A 8 -3.20 -4.89 9.74
N LEU A 9 -3.94 -4.58 10.77
CA LEU A 9 -5.04 -3.59 10.62
C LEU A 9 -4.45 -2.19 10.45
N GLY A 10 -5.00 -1.40 9.59
CA GLY A 10 -4.47 -0.02 9.38
C GLY A 10 -3.47 -0.03 8.23
N TYR A 11 -3.26 -1.17 7.63
CA TYR A 11 -2.28 -1.25 6.50
C TYR A 11 -3.02 -1.70 5.23
N PHE A 12 -2.59 -1.25 4.09
CA PHE A 12 -3.26 -1.65 2.82
C PHE A 12 -2.21 -2.04 1.79
N PRO A 13 -2.53 -2.99 0.95
CA PRO A 13 -1.60 -3.48 -0.11
C PRO A 13 -1.42 -2.46 -1.23
N CYS A 14 -0.24 -2.37 -1.79
CA CYS A 14 -0.01 -1.39 -2.89
C CYS A 14 -0.80 -1.83 -4.12
N GLY A 15 -1.14 -3.08 -4.21
CA GLY A 15 -1.91 -3.56 -5.40
C GLY A 15 -1.52 -5.02 -5.70
N ASN A 16 -0.91 -5.24 -6.84
CA ASN A 16 -0.50 -6.62 -7.19
C ASN A 16 0.87 -6.92 -6.56
N ILE A 17 1.34 -6.06 -5.70
CA ILE A 17 2.66 -6.29 -5.06
C ILE A 17 2.45 -6.85 -3.65
N THR A 18 3.21 -7.85 -3.28
CA THR A 18 3.05 -8.44 -1.92
C THR A 18 3.69 -7.50 -0.89
N LYS A 19 3.16 -6.32 -0.76
CA LYS A 19 3.73 -5.36 0.23
C LYS A 19 2.60 -4.54 0.86
N CYS A 20 2.68 -4.28 2.14
CA CYS A 20 1.61 -3.48 2.81
C CYS A 20 2.26 -2.32 3.55
N LEU A 21 1.62 -1.18 3.57
CA LEU A 21 2.20 -0.01 4.27
C LEU A 21 1.09 0.73 5.03
N PRO A 22 1.43 1.35 6.13
CA PRO A 22 0.46 2.11 6.97
C PRO A 22 -0.14 3.31 6.23
N GLN A 23 -1.31 3.73 6.60
CA GLN A 23 -1.95 4.88 5.92
C GLN A 23 -1.02 6.10 5.99
N LEU A 24 -0.12 6.10 6.93
CA LEU A 24 0.81 7.27 7.06
C LEU A 24 1.55 7.49 5.74
N LEU A 25 1.88 6.43 5.06
CA LEU A 25 2.61 6.58 3.76
C LEU A 25 1.62 6.65 2.61
N HIS A 26 0.35 6.82 2.91
CA HIS A 26 -0.66 6.89 1.82
C HIS A 26 -0.68 8.30 1.24
N CYS A 27 -0.38 8.43 -0.03
CA CYS A 27 -0.38 9.78 -0.65
C CYS A 27 0.47 10.73 0.18
N ASN A 28 1.57 10.26 0.70
CA ASN A 28 2.45 11.14 1.53
C ASN A 28 3.46 11.85 0.63
N GLY A 29 3.35 11.66 -0.66
CA GLY A 29 4.30 12.34 -1.59
C GLY A 29 5.67 11.65 -1.52
N VAL A 30 5.69 10.39 -1.16
CA VAL A 30 6.99 9.66 -1.07
C VAL A 30 6.87 8.31 -1.78
N ASP A 31 7.86 7.96 -2.56
CA ASP A 31 7.80 6.65 -3.28
C ASP A 31 8.14 5.52 -2.31
N ASP A 32 7.32 4.50 -2.25
CA ASP A 32 7.59 3.38 -1.32
C ASP A 32 7.16 2.07 -1.97
N CYS A 33 5.93 2.01 -2.44
CA CYS A 33 5.45 0.76 -3.08
C CYS A 33 6.43 0.32 -4.16
N GLY A 34 7.25 1.23 -4.64
CA GLY A 34 8.23 0.86 -5.69
C GLY A 34 7.79 1.46 -7.03
N ASN A 35 6.66 2.10 -7.07
CA ASN A 35 6.18 2.70 -8.34
C ASN A 35 5.35 3.94 -8.04
N GLN A 36 4.06 3.80 -7.91
CA GLN A 36 3.19 4.97 -7.62
C GLN A 36 1.75 4.51 -7.42
N ALA A 37 1.56 3.26 -7.08
CA ALA A 37 0.18 2.75 -6.88
C ALA A 37 -0.46 3.44 -5.67
N ASP A 38 0.27 3.54 -4.59
CA ASP A 38 -0.28 4.21 -3.38
C ASP A 38 -0.52 5.69 -3.66
N GLU A 39 0.27 6.27 -4.53
CA GLU A 39 0.09 7.71 -4.86
C GLU A 39 -1.01 7.87 -5.89
N ASP A 40 -1.76 6.82 -6.15
CA ASP A 40 -2.85 6.91 -7.15
C ASP A 40 -3.90 7.91 -6.66
N ASN A 41 -4.70 8.44 -7.55
CA ASN A 41 -5.74 9.42 -7.14
C ASN A 41 -5.16 10.37 -6.09
N CYS A 42 -3.91 10.71 -6.21
CA CYS A 42 -3.29 11.64 -5.23
C CYS A 42 -2.24 12.51 -5.93
N GLY A 43 -1.88 13.62 -5.35
CA GLY A 43 -0.87 14.50 -5.98
C GLY A 43 -0.21 15.39 -4.92
N GLY A 1 -6.91 -12.09 -7.12
CA GLY A 1 -5.98 -12.72 -6.08
C GLY A 1 -5.74 -12.02 -4.78
N SER A 2 -5.13 -12.69 -3.84
CA SER A 2 -4.85 -12.04 -2.53
C SER A 2 -6.11 -11.31 -2.04
N GLN A 3 -7.27 -11.85 -2.33
CA GLN A 3 -8.52 -11.19 -1.88
C GLN A 3 -8.51 -11.02 -0.37
N ASP A 4 -7.98 -11.98 0.34
CA ASP A 4 -7.94 -11.88 1.83
C ASP A 4 -6.68 -11.12 2.25
N VAL A 5 -6.84 -10.01 2.92
CA VAL A 5 -5.66 -9.22 3.37
C VAL A 5 -4.98 -9.93 4.53
N LYS A 6 -3.72 -10.26 4.39
CA LYS A 6 -3.00 -10.94 5.50
C LYS A 6 -2.25 -9.92 6.35
N CYS A 7 -2.52 -8.66 6.14
CA CYS A 7 -1.82 -7.61 6.94
C CYS A 7 -2.73 -7.14 8.07
N SER A 8 -2.16 -6.61 9.12
CA SER A 8 -2.99 -6.14 10.27
C SER A 8 -3.85 -4.96 9.83
N LEU A 9 -4.80 -4.57 10.64
CA LEU A 9 -5.67 -3.43 10.25
C LEU A 9 -4.84 -2.14 10.24
N GLY A 10 -5.22 -1.20 9.41
CA GLY A 10 -4.45 0.08 9.34
C GLY A 10 -3.41 -0.02 8.22
N TYR A 11 -3.26 -1.18 7.63
CA TYR A 11 -2.26 -1.32 6.53
C TYR A 11 -2.97 -1.77 5.26
N PHE A 12 -2.45 -1.38 4.12
CA PHE A 12 -3.11 -1.78 2.84
C PHE A 12 -2.02 -2.15 1.82
N PRO A 13 -2.32 -3.09 0.97
CA PRO A 13 -1.37 -3.55 -0.09
C PRO A 13 -1.21 -2.52 -1.21
N CYS A 14 -0.02 -2.38 -1.74
CA CYS A 14 0.19 -1.40 -2.83
C CYS A 14 -0.65 -1.80 -4.05
N GLY A 15 -0.92 -3.06 -4.20
CA GLY A 15 -1.74 -3.51 -5.37
C GLY A 15 -1.34 -4.94 -5.75
N ASN A 16 -0.72 -5.11 -6.89
CA ASN A 16 -0.30 -6.46 -7.31
C ASN A 16 1.06 -6.80 -6.70
N ILE A 17 1.54 -5.96 -5.81
CA ILE A 17 2.87 -6.23 -5.18
C ILE A 17 2.65 -6.84 -3.80
N THR A 18 3.45 -7.81 -3.44
CA THR A 18 3.28 -8.46 -2.11
C THR A 18 3.94 -7.59 -1.04
N LYS A 19 3.19 -6.71 -0.45
CA LYS A 19 3.76 -5.82 0.61
C LYS A 19 2.64 -5.03 1.29
N CYS A 20 2.93 -4.41 2.39
CA CYS A 20 1.87 -3.62 3.09
C CYS A 20 2.51 -2.37 3.71
N LEU A 21 1.82 -1.27 3.71
CA LEU A 21 2.39 -0.02 4.29
C LEU A 21 1.32 0.68 5.14
N PRO A 22 1.74 1.37 6.16
CA PRO A 22 0.81 2.11 7.06
C PRO A 22 0.14 3.29 6.35
N GLN A 23 -1.01 3.70 6.82
CA GLN A 23 -1.72 4.84 6.16
C GLN A 23 -0.81 6.06 6.15
N LEU A 24 0.16 6.12 7.02
CA LEU A 24 1.07 7.29 7.06
C LEU A 24 1.69 7.51 5.68
N LEU A 25 2.01 6.45 4.98
CA LEU A 25 2.62 6.60 3.63
C LEU A 25 1.51 6.68 2.58
N HIS A 26 0.30 6.91 3.00
CA HIS A 26 -0.82 7.01 2.02
C HIS A 26 -0.78 8.37 1.32
N CYS A 27 -0.33 8.40 0.09
CA CYS A 27 -0.26 9.69 -0.64
C CYS A 27 0.46 10.73 0.24
N ASN A 28 1.55 10.36 0.83
CA ASN A 28 2.30 11.32 1.69
C ASN A 28 3.36 12.03 0.85
N GLY A 29 3.36 11.81 -0.44
CA GLY A 29 4.38 12.48 -1.31
C GLY A 29 5.71 11.76 -1.18
N VAL A 30 5.70 10.49 -0.89
CA VAL A 30 6.97 9.73 -0.76
C VAL A 30 6.91 8.44 -1.58
N ASP A 31 7.97 8.11 -2.26
CA ASP A 31 7.96 6.87 -3.08
C ASP A 31 8.20 5.65 -2.17
N ASP A 32 7.36 4.66 -2.25
CA ASP A 32 7.54 3.46 -1.40
C ASP A 32 7.01 2.22 -2.13
N CYS A 33 5.80 2.28 -2.59
CA CYS A 33 5.22 1.11 -3.32
C CYS A 33 6.09 0.80 -4.55
N GLY A 34 6.84 1.76 -5.02
CA GLY A 34 7.69 1.52 -6.22
C GLY A 34 6.92 1.88 -7.48
N ASN A 35 5.79 1.24 -7.70
CA ASN A 35 4.99 1.55 -8.92
C ASN A 35 4.15 2.80 -8.67
N GLN A 36 4.41 3.50 -7.59
CA GLN A 36 3.63 4.72 -7.29
C GLN A 36 2.13 4.39 -7.30
N ALA A 37 1.78 3.22 -6.86
CA ALA A 37 0.34 2.83 -6.83
C ALA A 37 -0.37 3.62 -5.72
N ASP A 38 0.25 3.78 -4.59
CA ASP A 38 -0.39 4.54 -3.48
C ASP A 38 -0.61 5.99 -3.92
N GLU A 39 0.25 6.50 -4.76
CA GLU A 39 0.10 7.91 -5.22
C GLU A 39 -0.92 7.96 -6.36
N ASP A 40 -1.61 6.89 -6.61
CA ASP A 40 -2.60 6.88 -7.71
C ASP A 40 -3.84 7.68 -7.30
N ASN A 41 -3.73 8.98 -7.30
CA ASN A 41 -4.91 9.82 -6.92
C ASN A 41 -5.65 9.15 -5.76
N CYS A 42 -5.28 9.47 -4.55
CA CYS A 42 -5.98 8.85 -3.38
C CYS A 42 -7.41 9.37 -3.30
N GLY A 43 -8.30 8.61 -2.72
CA GLY A 43 -9.72 9.06 -2.62
C GLY A 43 -10.60 7.87 -2.23
N GLY A 1 -5.79 -22.02 -0.36
CA GLY A 1 -5.19 -20.77 -0.99
C GLY A 1 -3.75 -20.45 -0.78
N SER A 2 -3.11 -19.85 -1.74
CA SER A 2 -1.67 -19.51 -1.57
C SER A 2 -1.52 -18.49 -0.45
N GLN A 3 -0.36 -18.43 0.15
CA GLN A 3 -0.14 -17.45 1.26
C GLN A 3 -0.39 -16.03 0.75
N ASP A 4 -0.07 -15.77 -0.48
CA ASP A 4 -0.29 -14.40 -1.04
C ASP A 4 0.30 -13.36 -0.08
N VAL A 5 -0.50 -12.42 0.34
CA VAL A 5 0.01 -11.38 1.27
C VAL A 5 -1.03 -11.10 2.36
N LYS A 6 -0.60 -10.83 3.56
CA LYS A 6 -1.56 -10.56 4.66
C LYS A 6 -1.20 -9.23 5.34
N CYS A 7 -2.16 -8.37 5.52
CA CYS A 7 -1.86 -7.06 6.18
C CYS A 7 -2.85 -6.85 7.33
N SER A 8 -2.39 -6.40 8.45
CA SER A 8 -3.30 -6.17 9.61
C SER A 8 -3.96 -4.80 9.48
N LEU A 9 -4.65 -4.37 10.50
CA LEU A 9 -5.31 -3.03 10.43
C LEU A 9 -4.27 -1.93 10.52
N GLY A 10 -4.49 -0.83 9.86
CA GLY A 10 -3.50 0.28 9.91
C GLY A 10 -2.53 0.15 8.74
N TYR A 11 -2.76 -0.80 7.86
CA TYR A 11 -1.84 -0.98 6.70
C TYR A 11 -2.68 -1.24 5.45
N PHE A 12 -2.13 -0.96 4.30
CA PHE A 12 -2.89 -1.19 3.03
C PHE A 12 -1.93 -1.68 1.94
N PRO A 13 -2.41 -2.51 1.06
CA PRO A 13 -1.60 -3.05 -0.07
C PRO A 13 -1.32 -2.00 -1.14
N CYS A 14 -0.13 -1.98 -1.67
CA CYS A 14 0.21 -0.99 -2.73
C CYS A 14 -0.65 -1.24 -3.96
N GLY A 15 -1.17 -2.44 -4.10
CA GLY A 15 -2.00 -2.74 -5.29
C GLY A 15 -1.74 -4.18 -5.75
N ASN A 16 -1.18 -4.35 -6.91
CA ASN A 16 -0.89 -5.72 -7.41
C ASN A 16 0.44 -6.20 -6.81
N ILE A 17 1.01 -5.44 -5.93
CA ILE A 17 2.31 -5.86 -5.32
C ILE A 17 2.04 -6.64 -4.03
N THR A 18 2.94 -7.49 -3.64
CA THR A 18 2.73 -8.30 -2.40
C THR A 18 3.39 -7.58 -1.21
N LYS A 19 2.90 -6.42 -0.85
CA LYS A 19 3.49 -5.69 0.29
C LYS A 19 2.44 -4.76 0.90
N CYS A 20 2.68 -4.26 2.09
CA CYS A 20 1.69 -3.35 2.72
C CYS A 20 2.46 -2.28 3.51
N LEU A 21 1.95 -1.09 3.60
CA LEU A 21 2.67 -0.02 4.34
C LEU A 21 1.68 0.75 5.21
N PRO A 22 2.14 1.26 6.32
CA PRO A 22 1.29 2.06 7.26
C PRO A 22 0.41 3.07 6.52
N GLN A 23 -0.71 3.42 7.09
CA GLN A 23 -1.61 4.40 6.43
C GLN A 23 -0.89 5.75 6.30
N LEU A 24 0.04 6.01 7.17
CA LEU A 24 0.78 7.30 7.09
C LEU A 24 1.42 7.45 5.71
N LEU A 25 1.87 6.37 5.14
CA LEU A 25 2.52 6.46 3.80
C LEU A 25 1.46 6.29 2.71
N HIS A 26 0.21 6.35 3.07
CA HIS A 26 -0.87 6.20 2.05
C HIS A 26 -1.05 7.51 1.31
N CYS A 27 -0.78 7.52 0.03
CA CYS A 27 -0.95 8.78 -0.76
C CYS A 27 -0.32 9.94 -0.01
N ASN A 28 0.81 9.73 0.61
CA ASN A 28 1.47 10.83 1.36
C ASN A 28 2.46 11.55 0.44
N GLY A 29 2.45 11.22 -0.82
CA GLY A 29 3.38 11.91 -1.77
C GLY A 29 4.81 11.44 -1.51
N VAL A 30 4.99 10.20 -1.17
CA VAL A 30 6.36 9.68 -0.91
C VAL A 30 6.56 8.36 -1.67
N ASP A 31 7.70 8.18 -2.26
CA ASP A 31 7.96 6.93 -3.02
C ASP A 31 8.32 5.81 -2.04
N ASP A 32 7.60 4.72 -2.06
CA ASP A 32 7.89 3.60 -1.14
C ASP A 32 7.53 2.27 -1.80
N CYS A 33 6.32 2.14 -2.25
CA CYS A 33 5.92 0.86 -2.92
C CYS A 33 6.81 0.61 -4.13
N GLY A 34 7.38 1.65 -4.69
CA GLY A 34 8.27 1.47 -5.88
C GLY A 34 7.46 1.70 -7.15
N ASN A 35 6.29 1.12 -7.25
CA ASN A 35 5.45 1.32 -8.47
C ASN A 35 4.61 2.58 -8.31
N GLN A 36 4.81 3.31 -7.26
CA GLN A 36 4.02 4.56 -7.04
C GLN A 36 2.53 4.24 -7.16
N ALA A 37 2.15 3.03 -6.84
CA ALA A 37 0.71 2.66 -6.92
C ALA A 37 -0.07 3.37 -5.82
N ASP A 38 0.51 3.51 -4.66
CA ASP A 38 -0.19 4.19 -3.54
C ASP A 38 -0.42 5.66 -3.91
N GLU A 39 0.46 6.23 -4.68
CA GLU A 39 0.30 7.66 -5.08
C GLU A 39 -0.55 7.75 -6.34
N ASP A 40 -1.32 6.73 -6.63
CA ASP A 40 -2.17 6.75 -7.85
C ASP A 40 -3.54 6.15 -7.52
N ASN A 41 -4.56 6.55 -8.23
CA ASN A 41 -5.92 6.00 -7.96
C ASN A 41 -6.14 5.90 -6.45
N CYS A 42 -5.78 6.92 -5.72
CA CYS A 42 -5.97 6.88 -4.23
C CYS A 42 -7.45 6.65 -3.93
N GLY A 43 -8.32 7.12 -4.77
CA GLY A 43 -9.78 6.93 -4.51
C GLY A 43 -10.21 7.81 -3.33
N GLY A 1 -8.10 -10.08 -9.99
CA GLY A 1 -7.05 -9.89 -8.91
C GLY A 1 -5.87 -10.81 -8.85
N SER A 2 -6.03 -12.01 -9.34
CA SER A 2 -4.90 -12.98 -9.32
C SER A 2 -4.31 -13.04 -7.91
N GLN A 3 -4.68 -14.03 -7.14
CA GLN A 3 -4.14 -14.14 -5.76
C GLN A 3 -4.39 -12.84 -5.00
N ASP A 4 -5.61 -12.59 -4.62
CA ASP A 4 -5.92 -11.33 -3.88
C ASP A 4 -5.08 -11.27 -2.59
N VAL A 5 -4.72 -10.11 -2.16
CA VAL A 5 -3.91 -10.00 -0.91
C VAL A 5 -4.56 -8.97 0.03
N LYS A 6 -4.32 -9.10 1.30
CA LYS A 6 -4.92 -8.13 2.28
C LYS A 6 -3.91 -7.81 3.37
N CYS A 7 -3.83 -6.57 3.78
CA CYS A 7 -2.86 -6.20 4.85
C CYS A 7 -3.59 -6.10 6.20
N SER A 8 -2.87 -6.17 7.28
CA SER A 8 -3.52 -6.07 8.61
C SER A 8 -4.11 -4.67 8.79
N LEU A 9 -4.88 -4.46 9.82
CA LEU A 9 -5.47 -3.11 10.05
C LEU A 9 -4.35 -2.09 10.25
N GLY A 10 -4.53 -0.90 9.77
CA GLY A 10 -3.47 0.13 9.93
C GLY A 10 -2.46 0.02 8.79
N TYR A 11 -2.71 -0.85 7.85
CA TYR A 11 -1.75 -1.01 6.71
C TYR A 11 -2.55 -1.25 5.43
N PHE A 12 -1.96 -0.95 4.29
CA PHE A 12 -2.68 -1.18 3.00
C PHE A 12 -1.71 -1.75 1.97
N PRO A 13 -2.20 -2.60 1.11
CA PRO A 13 -1.36 -3.24 0.05
C PRO A 13 -1.05 -2.26 -1.09
N CYS A 14 0.14 -2.35 -1.65
CA CYS A 14 0.51 -1.44 -2.77
C CYS A 14 -0.31 -1.81 -4.01
N GLY A 15 -0.83 -3.01 -4.06
CA GLY A 15 -1.64 -3.42 -5.25
C GLY A 15 -1.42 -4.91 -5.52
N ASN A 16 -0.86 -5.25 -6.65
CA ASN A 16 -0.61 -6.68 -6.96
C ASN A 16 0.76 -7.10 -6.41
N ILE A 17 1.36 -6.27 -5.60
CA ILE A 17 2.70 -6.61 -5.04
C ILE A 17 2.54 -7.11 -3.61
N THR A 18 3.30 -8.10 -3.23
CA THR A 18 3.20 -8.63 -1.84
C THR A 18 3.91 -7.67 -0.87
N LYS A 19 3.22 -6.68 -0.40
CA LYS A 19 3.85 -5.70 0.54
C LYS A 19 2.79 -4.79 1.12
N CYS A 20 3.00 -4.29 2.31
CA CYS A 20 2.00 -3.38 2.94
C CYS A 20 2.74 -2.29 3.70
N LEU A 21 2.21 -1.10 3.73
CA LEU A 21 2.88 0.02 4.45
C LEU A 21 1.85 0.78 5.28
N PRO A 22 2.27 1.35 6.38
CA PRO A 22 1.38 2.16 7.27
C PRO A 22 0.52 3.14 6.48
N GLN A 23 -0.67 3.39 6.93
CA GLN A 23 -1.56 4.36 6.22
C GLN A 23 -0.87 5.73 6.14
N LEU A 24 -0.01 6.02 7.08
CA LEU A 24 0.69 7.33 7.05
C LEU A 24 1.44 7.49 5.73
N LEU A 25 1.97 6.43 5.20
CA LEU A 25 2.71 6.53 3.91
C LEU A 25 1.73 6.39 2.75
N HIS A 26 0.46 6.50 3.01
CA HIS A 26 -0.54 6.39 1.92
C HIS A 26 -0.80 7.78 1.32
N CYS A 27 -0.61 7.92 0.04
CA CYS A 27 -0.86 9.24 -0.61
C CYS A 27 -0.12 10.34 0.17
N ASN A 28 1.02 10.02 0.72
CA ASN A 28 1.78 11.05 1.50
C ASN A 28 2.76 11.77 0.58
N GLY A 29 2.69 11.50 -0.70
CA GLY A 29 3.62 12.18 -1.65
C GLY A 29 5.03 11.62 -1.47
N VAL A 30 5.15 10.36 -1.17
CA VAL A 30 6.50 9.76 -0.99
C VAL A 30 6.59 8.44 -1.78
N ASP A 31 7.72 8.19 -2.38
CA ASP A 31 7.87 6.93 -3.16
C ASP A 31 8.28 5.79 -2.22
N ASP A 32 7.47 4.78 -2.11
CA ASP A 32 7.81 3.63 -1.23
C ASP A 32 7.35 2.33 -1.88
N CYS A 33 6.11 2.25 -2.27
CA CYS A 33 5.60 1.00 -2.91
C CYS A 33 6.48 0.68 -4.12
N GLY A 34 6.94 1.69 -4.82
CA GLY A 34 7.81 1.43 -6.01
C GLY A 34 6.98 1.58 -7.29
N ASN A 35 5.76 1.10 -7.27
CA ASN A 35 4.91 1.21 -8.49
C ASN A 35 4.14 2.53 -8.45
N GLN A 36 4.37 3.34 -7.45
CA GLN A 36 3.66 4.64 -7.37
C GLN A 36 2.16 4.39 -7.30
N ALA A 37 1.75 3.20 -6.97
CA ALA A 37 0.30 2.89 -6.88
C ALA A 37 -0.28 3.52 -5.61
N ASP A 38 0.50 3.60 -4.58
CA ASP A 38 -0.01 4.19 -3.30
C ASP A 38 -0.40 5.65 -3.53
N GLU A 39 0.29 6.32 -4.42
CA GLU A 39 -0.05 7.75 -4.69
C GLU A 39 -1.12 7.83 -5.76
N ASP A 40 -1.81 6.75 -6.02
CA ASP A 40 -2.88 6.77 -7.05
C ASP A 40 -3.97 7.75 -6.64
N ASN A 41 -4.66 8.32 -7.59
CA ASN A 41 -5.74 9.29 -7.25
C ASN A 41 -5.28 10.19 -6.11
N CYS A 42 -4.01 10.51 -6.08
CA CYS A 42 -3.49 11.40 -4.99
C CYS A 42 -2.43 12.33 -5.57
N GLY A 43 -2.17 13.43 -4.89
CA GLY A 43 -1.15 14.39 -5.40
C GLY A 43 0.14 13.63 -5.71
N GLY A 1 -10.96 -16.07 5.81
CA GLY A 1 -10.10 -17.19 6.39
C GLY A 1 -9.20 -16.90 7.54
N SER A 2 -8.84 -17.91 8.29
CA SER A 2 -7.93 -17.68 9.46
C SER A 2 -6.59 -17.15 8.97
N GLN A 3 -6.24 -17.43 7.74
CA GLN A 3 -4.94 -16.95 7.20
C GLN A 3 -4.87 -15.43 7.30
N ASP A 4 -5.98 -14.77 7.09
CA ASP A 4 -5.99 -13.28 7.18
C ASP A 4 -4.84 -12.72 6.33
N VAL A 5 -4.73 -13.15 5.11
CA VAL A 5 -3.65 -12.63 4.23
C VAL A 5 -3.81 -11.13 4.04
N LYS A 6 -3.64 -10.66 2.84
CA LYS A 6 -3.79 -9.20 2.58
C LYS A 6 -2.93 -8.41 3.58
N CYS A 7 -3.30 -7.19 3.87
CA CYS A 7 -2.50 -6.39 4.83
C CYS A 7 -3.17 -6.42 6.20
N SER A 8 -2.43 -6.15 7.24
CA SER A 8 -3.02 -6.16 8.61
C SER A 8 -3.80 -4.86 8.83
N LEU A 9 -4.42 -4.72 9.98
CA LEU A 9 -5.20 -3.49 10.26
C LEU A 9 -4.24 -2.30 10.40
N GLY A 10 -4.60 -1.16 9.88
CA GLY A 10 -3.70 0.03 9.98
C GLY A 10 -2.70 0.02 8.82
N TYR A 11 -2.84 -0.91 7.92
CA TYR A 11 -1.89 -0.97 6.76
C TYR A 11 -2.67 -1.27 5.48
N PHE A 12 -2.13 -0.91 4.34
CA PHE A 12 -2.84 -1.18 3.07
C PHE A 12 -1.85 -1.71 2.03
N PRO A 13 -2.29 -2.58 1.17
CA PRO A 13 -1.43 -3.18 0.10
C PRO A 13 -1.15 -2.20 -1.02
N CYS A 14 0.02 -2.26 -1.60
CA CYS A 14 0.35 -1.33 -2.73
C CYS A 14 -0.47 -1.71 -3.96
N GLY A 15 -0.95 -2.92 -4.01
CA GLY A 15 -1.76 -3.35 -5.19
C GLY A 15 -1.54 -4.84 -5.45
N ASN A 16 -1.02 -5.19 -6.59
CA ASN A 16 -0.76 -6.63 -6.89
C ASN A 16 0.61 -7.03 -6.37
N ILE A 17 1.22 -6.18 -5.57
CA ILE A 17 2.57 -6.51 -5.03
C ILE A 17 2.45 -7.00 -3.59
N THR A 18 3.18 -8.00 -3.21
CA THR A 18 3.11 -8.51 -1.82
C THR A 18 3.83 -7.53 -0.89
N LYS A 19 3.11 -6.58 -0.35
CA LYS A 19 3.75 -5.58 0.56
C LYS A 19 2.67 -4.72 1.20
N CYS A 20 2.90 -4.25 2.39
CA CYS A 20 1.89 -3.40 3.08
C CYS A 20 2.62 -2.28 3.84
N LEU A 21 2.05 -1.11 3.88
CA LEU A 21 2.73 0.01 4.60
C LEU A 21 1.68 0.79 5.40
N PRO A 22 2.09 1.39 6.49
CA PRO A 22 1.20 2.21 7.36
C PRO A 22 0.36 3.20 6.55
N GLN A 23 -0.86 3.43 6.95
CA GLN A 23 -1.72 4.39 6.21
C GLN A 23 -1.05 5.76 6.16
N LEU A 24 -0.15 6.01 7.06
CA LEU A 24 0.54 7.34 7.07
C LEU A 24 1.28 7.54 5.75
N LEU A 25 1.82 6.49 5.20
CA LEU A 25 2.56 6.61 3.91
C LEU A 25 1.58 6.53 2.75
N HIS A 26 0.30 6.51 3.02
CA HIS A 26 -0.70 6.44 1.92
C HIS A 26 -0.86 7.81 1.28
N CYS A 27 -0.38 7.97 0.07
CA CYS A 27 -0.50 9.29 -0.61
C CYS A 27 0.03 10.39 0.31
N ASN A 28 1.21 10.22 0.84
CA ASN A 28 1.79 11.26 1.73
C ASN A 28 2.70 12.18 0.93
N GLY A 29 3.46 11.64 0.02
CA GLY A 29 4.36 12.49 -0.82
C GLY A 29 5.72 11.81 -0.94
N VAL A 30 5.75 10.50 -0.90
CA VAL A 30 7.06 9.78 -1.03
C VAL A 30 6.85 8.49 -1.81
N ASP A 31 7.80 8.12 -2.62
CA ASP A 31 7.66 6.86 -3.41
C ASP A 31 8.12 5.67 -2.56
N ASP A 32 7.20 4.91 -2.04
CA ASP A 32 7.58 3.74 -1.21
C ASP A 32 7.16 2.45 -1.92
N CYS A 33 5.93 2.36 -2.33
CA CYS A 33 5.47 1.13 -3.04
C CYS A 33 6.38 0.85 -4.24
N GLY A 34 6.94 1.87 -4.82
CA GLY A 34 7.84 1.66 -5.99
C GLY A 34 7.03 1.75 -7.29
N ASN A 35 5.88 1.12 -7.33
CA ASN A 35 5.05 1.18 -8.57
C ASN A 35 4.17 2.43 -8.53
N GLN A 36 4.42 3.31 -7.60
CA GLN A 36 3.61 4.57 -7.51
C GLN A 36 2.13 4.19 -7.47
N ALA A 37 1.81 3.00 -7.05
CA ALA A 37 0.38 2.59 -6.98
C ALA A 37 -0.31 3.30 -5.80
N ASP A 38 0.39 3.48 -4.71
CA ASP A 38 -0.22 4.18 -3.55
C ASP A 38 -0.53 5.63 -3.93
N GLU A 39 0.25 6.21 -4.80
CA GLU A 39 0.01 7.61 -5.20
C GLU A 39 -1.01 7.65 -6.34
N ASP A 40 -1.64 6.54 -6.62
CA ASP A 40 -2.65 6.51 -7.72
C ASP A 40 -3.96 7.13 -7.23
N ASN A 41 -4.46 8.10 -7.94
CA ASN A 41 -5.74 8.75 -7.52
C ASN A 41 -5.75 8.90 -6.00
N CYS A 42 -5.16 9.96 -5.51
CA CYS A 42 -5.14 10.17 -4.03
C CYS A 42 -6.37 10.99 -3.61
N GLY A 43 -6.75 10.90 -2.37
CA GLY A 43 -7.93 11.68 -1.91
C GLY A 43 -8.09 11.52 -0.40
N GLY A 1 -1.48 -15.38 20.64
CA GLY A 1 -2.25 -16.49 19.90
C GLY A 1 -2.22 -16.53 18.41
N SER A 2 -2.37 -17.69 17.85
CA SER A 2 -2.36 -17.79 16.36
C SER A 2 -1.10 -17.11 15.82
N GLN A 3 -1.17 -16.58 14.62
CA GLN A 3 0.01 -15.90 14.04
C GLN A 3 -0.45 -14.75 13.12
N ASP A 4 0.45 -13.88 12.76
CA ASP A 4 0.06 -12.75 11.86
C ASP A 4 -0.57 -13.29 10.58
N VAL A 5 -1.51 -12.59 10.02
CA VAL A 5 -2.16 -13.07 8.77
C VAL A 5 -2.21 -11.92 7.76
N LYS A 6 -1.85 -12.20 6.53
CA LYS A 6 -1.88 -11.12 5.49
C LYS A 6 -1.27 -9.84 6.07
N CYS A 7 -1.95 -8.74 5.94
CA CYS A 7 -1.41 -7.46 6.47
C CYS A 7 -2.10 -7.14 7.81
N SER A 8 -1.47 -6.34 8.63
CA SER A 8 -2.08 -5.99 9.94
C SER A 8 -3.26 -5.04 9.72
N LEU A 9 -3.97 -4.71 10.76
CA LEU A 9 -5.13 -3.78 10.61
C LEU A 9 -4.62 -2.35 10.46
N GLY A 10 -5.20 -1.58 9.58
CA GLY A 10 -4.74 -0.18 9.38
C GLY A 10 -3.73 -0.13 8.23
N TYR A 11 -3.43 -1.26 7.64
CA TYR A 11 -2.45 -1.27 6.52
C TYR A 11 -3.15 -1.72 5.25
N PHE A 12 -2.67 -1.29 4.11
CA PHE A 12 -3.30 -1.69 2.83
C PHE A 12 -2.22 -2.05 1.80
N PRO A 13 -2.51 -3.00 0.95
CA PRO A 13 -1.55 -3.45 -0.09
C PRO A 13 -1.36 -2.41 -1.20
N CYS A 14 -0.16 -2.29 -1.72
CA CYS A 14 0.08 -1.30 -2.79
C CYS A 14 -0.70 -1.69 -4.05
N GLY A 15 -1.08 -2.94 -4.16
CA GLY A 15 -1.85 -3.38 -5.36
C GLY A 15 -1.42 -4.80 -5.75
N ASN A 16 -0.76 -4.94 -6.86
CA ASN A 16 -0.30 -6.29 -7.28
C ASN A 16 1.03 -6.62 -6.60
N ILE A 17 1.44 -5.81 -5.66
CA ILE A 17 2.74 -6.07 -4.97
C ILE A 17 2.47 -6.78 -3.65
N THR A 18 3.30 -7.72 -3.29
CA THR A 18 3.10 -8.45 -2.00
C THR A 18 3.67 -7.62 -0.86
N LYS A 19 3.18 -6.42 -0.67
CA LYS A 19 3.70 -5.56 0.42
C LYS A 19 2.56 -4.69 0.98
N CYS A 20 2.61 -4.39 2.25
CA CYS A 20 1.54 -3.54 2.83
C CYS A 20 2.18 -2.36 3.59
N LEU A 21 1.54 -1.23 3.57
CA LEU A 21 2.11 -0.04 4.26
C LEU A 21 1.00 0.69 5.01
N PRO A 22 1.34 1.32 6.10
CA PRO A 22 0.36 2.08 6.94
C PRO A 22 -0.22 3.28 6.19
N GLN A 23 -1.38 3.73 6.58
CA GLN A 23 -2.00 4.90 5.89
C GLN A 23 -1.04 6.09 5.95
N LEU A 24 -0.19 6.12 6.93
CA LEU A 24 0.76 7.27 7.05
C LEU A 24 1.47 7.49 5.70
N LEU A 25 1.82 6.42 5.03
CA LEU A 25 2.52 6.57 3.73
C LEU A 25 1.49 6.65 2.60
N HIS A 26 0.27 6.97 2.92
CA HIS A 26 -0.78 7.08 1.87
C HIS A 26 -0.65 8.42 1.15
N CYS A 27 -0.27 8.39 -0.11
CA CYS A 27 -0.12 9.67 -0.86
C CYS A 27 0.68 10.67 -0.02
N ASN A 28 1.75 10.24 0.57
CA ASN A 28 2.58 11.16 1.40
C ASN A 28 3.59 11.88 0.52
N GLY A 29 3.52 11.66 -0.77
CA GLY A 29 4.48 12.34 -1.69
C GLY A 29 5.79 11.56 -1.75
N VAL A 30 5.80 10.37 -1.19
CA VAL A 30 7.05 9.55 -1.22
C VAL A 30 6.77 8.22 -1.91
N ASP A 31 7.63 7.80 -2.79
CA ASP A 31 7.41 6.50 -3.50
C ASP A 31 7.99 5.37 -2.65
N ASP A 32 7.15 4.62 -1.99
CA ASP A 32 7.64 3.49 -1.16
C ASP A 32 7.38 2.17 -1.89
N CYS A 33 6.16 1.93 -2.28
CA CYS A 33 5.84 0.67 -2.99
C CYS A 33 6.71 0.56 -4.25
N GLY A 34 7.15 1.67 -4.78
CA GLY A 34 8.00 1.63 -6.00
C GLY A 34 7.12 1.79 -7.24
N ASN A 35 5.91 1.29 -7.20
CA ASN A 35 5.00 1.43 -8.37
C ASN A 35 4.20 2.72 -8.25
N GLN A 36 4.48 3.52 -7.25
CA GLN A 36 3.73 4.79 -7.09
C GLN A 36 2.23 4.51 -7.10
N ALA A 37 1.84 3.32 -6.74
CA ALA A 37 0.38 2.98 -6.72
C ALA A 37 -0.29 3.70 -5.55
N ASP A 38 0.40 3.86 -4.46
CA ASP A 38 -0.21 4.55 -3.28
C ASP A 38 -0.49 6.01 -3.64
N GLU A 39 0.31 6.58 -4.51
CA GLU A 39 0.08 8.00 -4.90
C GLU A 39 -1.01 8.07 -5.97
N ASP A 40 -1.71 6.99 -6.18
CA ASP A 40 -2.79 7.00 -7.22
C ASP A 40 -3.93 7.90 -6.75
N ASN A 41 -4.72 8.39 -7.66
CA ASN A 41 -5.86 9.28 -7.27
C ASN A 41 -5.40 10.25 -6.17
N CYS A 42 -4.25 10.83 -6.34
CA CYS A 42 -3.75 11.79 -5.32
C CYS A 42 -2.97 12.92 -6.01
N GLY A 43 -2.78 14.01 -5.33
CA GLY A 43 -2.04 15.15 -5.94
C GLY A 43 -2.81 15.67 -7.16
N GLY A 1 -3.27 -25.16 5.61
CA GLY A 1 -2.34 -24.00 5.97
C GLY A 1 -1.29 -24.20 7.01
N SER A 2 -0.36 -23.30 7.11
CA SER A 2 0.72 -23.45 8.14
C SER A 2 1.38 -22.10 8.38
N GLN A 3 1.30 -21.20 7.43
CA GLN A 3 1.93 -19.87 7.61
C GLN A 3 1.17 -18.83 6.78
N ASP A 4 0.13 -18.25 7.34
CA ASP A 4 -0.66 -17.24 6.58
C ASP A 4 -0.04 -15.86 6.81
N VAL A 5 0.38 -15.21 5.75
CA VAL A 5 0.98 -13.85 5.91
C VAL A 5 0.22 -12.86 5.04
N LYS A 6 -0.09 -11.70 5.56
CA LYS A 6 -0.82 -10.69 4.77
C LYS A 6 -0.58 -9.29 5.36
N CYS A 7 -1.63 -8.54 5.57
CA CYS A 7 -1.46 -7.18 6.16
C CYS A 7 -2.36 -7.05 7.39
N SER A 8 -1.84 -6.49 8.44
CA SER A 8 -2.67 -6.32 9.68
C SER A 8 -3.54 -5.07 9.56
N LEU A 9 -4.23 -4.72 10.61
CA LEU A 9 -5.10 -3.50 10.54
C LEU A 9 -4.22 -2.25 10.57
N GLY A 10 -4.62 -1.22 9.89
CA GLY A 10 -3.80 0.03 9.87
C GLY A 10 -2.81 -0.02 8.71
N TYR A 11 -2.92 -1.01 7.86
CA TYR A 11 -1.99 -1.11 6.70
C TYR A 11 -2.79 -1.38 5.43
N PHE A 12 -2.25 -1.04 4.29
CA PHE A 12 -2.98 -1.28 3.01
C PHE A 12 -1.99 -1.73 1.93
N PRO A 13 -2.44 -2.57 1.05
CA PRO A 13 -1.59 -3.09 -0.07
C PRO A 13 -1.30 -2.01 -1.12
N CYS A 14 -0.10 -1.98 -1.64
CA CYS A 14 0.25 -0.95 -2.66
C CYS A 14 -0.65 -1.14 -3.89
N GLY A 15 -0.87 -2.36 -4.29
CA GLY A 15 -1.74 -2.60 -5.48
C GLY A 15 -1.21 -3.81 -6.27
N ASN A 16 -1.91 -4.91 -6.21
CA ASN A 16 -1.45 -6.11 -6.97
C ASN A 16 -0.02 -6.45 -6.55
N ILE A 17 0.42 -5.96 -5.42
CA ILE A 17 1.81 -6.26 -4.97
C ILE A 17 1.75 -6.88 -3.57
N THR A 18 2.55 -7.89 -3.33
CA THR A 18 2.56 -8.54 -1.99
C THR A 18 3.27 -7.63 -0.98
N LYS A 19 2.88 -6.39 -0.90
CA LYS A 19 3.55 -5.46 0.06
C LYS A 19 2.49 -4.55 0.69
N CYS A 20 2.65 -4.23 1.95
CA CYS A 20 1.66 -3.34 2.62
C CYS A 20 2.42 -2.26 3.38
N LEU A 21 1.87 -1.09 3.51
CA LEU A 21 2.57 0.00 4.24
C LEU A 21 1.56 0.77 5.09
N PRO A 22 1.99 1.30 6.20
CA PRO A 22 1.13 2.11 7.11
C PRO A 22 0.26 3.11 6.35
N GLN A 23 -0.94 3.34 6.81
CA GLN A 23 -1.84 4.30 6.11
C GLN A 23 -1.16 5.67 6.06
N LEU A 24 -0.26 5.94 6.96
CA LEU A 24 0.43 7.27 6.97
C LEU A 24 1.14 7.47 5.63
N LEU A 25 1.68 6.42 5.08
CA LEU A 25 2.41 6.55 3.78
C LEU A 25 1.40 6.47 2.63
N HIS A 26 0.13 6.54 2.92
CA HIS A 26 -0.88 6.46 1.84
C HIS A 26 -1.04 7.83 1.18
N CYS A 27 -0.76 7.92 -0.09
CA CYS A 27 -0.89 9.24 -0.79
C CYS A 27 -0.15 10.31 0.01
N ASN A 28 0.93 9.96 0.63
CA ASN A 28 1.70 10.96 1.42
C ASN A 28 2.72 11.65 0.51
N GLY A 29 2.68 11.38 -0.76
CA GLY A 29 3.64 12.03 -1.69
C GLY A 29 5.04 11.47 -1.46
N VAL A 30 5.14 10.19 -1.21
CA VAL A 30 6.49 9.58 -0.97
C VAL A 30 6.59 8.29 -1.77
N ASP A 31 7.71 8.07 -2.41
CA ASP A 31 7.89 6.82 -3.21
C ASP A 31 8.34 5.69 -2.29
N ASP A 32 7.45 4.80 -1.93
CA ASP A 32 7.84 3.67 -1.04
C ASP A 32 7.53 2.35 -1.73
N CYS A 33 6.33 2.18 -2.21
CA CYS A 33 5.97 0.92 -2.90
C CYS A 33 6.90 0.70 -4.10
N GLY A 34 7.44 1.77 -4.62
CA GLY A 34 8.36 1.65 -5.79
C GLY A 34 7.57 1.83 -7.09
N ASN A 35 6.41 1.24 -7.17
CA ASN A 35 5.59 1.37 -8.40
C ASN A 35 4.70 2.61 -8.30
N GLN A 36 4.89 3.39 -7.26
CA GLN A 36 4.06 4.62 -7.09
C GLN A 36 2.58 4.25 -7.21
N ALA A 37 2.21 3.08 -6.75
CA ALA A 37 0.79 2.66 -6.83
C ALA A 37 -0.02 3.40 -5.75
N ASP A 38 0.55 3.59 -4.59
CA ASP A 38 -0.18 4.30 -3.51
C ASP A 38 -0.41 5.75 -3.91
N GLU A 39 0.48 6.31 -4.69
CA GLU A 39 0.30 7.73 -5.12
C GLU A 39 -0.66 7.78 -6.30
N ASP A 40 -1.18 6.66 -6.71
CA ASP A 40 -2.14 6.66 -7.86
C ASP A 40 -3.23 7.71 -7.62
N ASN A 41 -4.07 7.92 -8.59
CA ASN A 41 -5.16 8.93 -8.41
C ASN A 41 -5.84 8.70 -7.06
N CYS A 42 -5.37 9.37 -6.04
CA CYS A 42 -5.98 9.21 -4.69
C CYS A 42 -7.45 9.65 -4.74
N GLY A 43 -7.79 10.50 -5.65
CA GLY A 43 -9.20 10.98 -5.76
C GLY A 43 -9.52 11.89 -4.57
N GLY A 1 6.67 -11.19 16.63
CA GLY A 1 5.20 -11.50 16.33
C GLY A 1 4.86 -12.26 15.09
N SER A 2 5.77 -12.34 14.16
CA SER A 2 5.48 -13.09 12.91
C SER A 2 4.11 -12.68 12.36
N GLN A 3 3.24 -13.62 12.17
CA GLN A 3 1.88 -13.28 11.65
C GLN A 3 2.02 -12.44 10.37
N ASP A 4 2.77 -12.92 9.41
CA ASP A 4 2.95 -12.16 8.15
C ASP A 4 1.80 -12.48 7.19
N VAL A 5 0.81 -13.20 7.65
CA VAL A 5 -0.33 -13.55 6.76
C VAL A 5 -1.18 -12.30 6.52
N LYS A 6 -1.48 -12.02 5.28
CA LYS A 6 -2.31 -10.82 4.97
C LYS A 6 -1.71 -9.59 5.69
N CYS A 7 -2.31 -8.45 5.52
CA CYS A 7 -1.79 -7.23 6.18
C CYS A 7 -2.61 -6.95 7.45
N SER A 8 -1.96 -6.56 8.51
CA SER A 8 -2.69 -6.29 9.78
C SER A 8 -3.55 -5.04 9.60
N LEU A 9 -4.23 -4.63 10.64
CA LEU A 9 -5.08 -3.41 10.53
C LEU A 9 -4.20 -2.16 10.56
N GLY A 10 -4.60 -1.13 9.88
CA GLY A 10 -3.78 0.11 9.86
C GLY A 10 -2.81 0.06 8.68
N TYR A 11 -2.89 -0.96 7.87
CA TYR A 11 -1.97 -1.07 6.70
C TYR A 11 -2.78 -1.34 5.44
N PHE A 12 -2.24 -1.02 4.30
CA PHE A 12 -2.99 -1.27 3.02
C PHE A 12 -2.01 -1.77 1.95
N PRO A 13 -2.48 -2.62 1.08
CA PRO A 13 -1.65 -3.18 -0.03
C PRO A 13 -1.38 -2.13 -1.12
N CYS A 14 -0.20 -2.15 -1.69
CA CYS A 14 0.12 -1.16 -2.76
C CYS A 14 -0.73 -1.46 -4.00
N GLY A 15 -1.24 -2.66 -4.11
CA GLY A 15 -2.08 -3.01 -5.29
C GLY A 15 -1.81 -4.46 -5.69
N ASN A 16 -1.23 -4.67 -6.83
CA ASN A 16 -0.94 -6.07 -7.27
C ASN A 16 0.40 -6.52 -6.67
N ILE A 17 0.94 -5.76 -5.77
CA ILE A 17 2.24 -6.15 -5.15
C ILE A 17 1.99 -6.71 -3.75
N THR A 18 2.70 -7.74 -3.37
CA THR A 18 2.51 -8.33 -2.02
C THR A 18 3.23 -7.46 -0.98
N LYS A 19 2.87 -6.21 -0.89
CA LYS A 19 3.53 -5.32 0.11
C LYS A 19 2.49 -4.41 0.76
N CYS A 20 2.60 -4.19 2.03
CA CYS A 20 1.62 -3.32 2.73
C CYS A 20 2.39 -2.25 3.53
N LEU A 21 1.86 -1.06 3.63
CA LEU A 21 2.57 0.01 4.38
C LEU A 21 1.56 0.79 5.23
N PRO A 22 2.01 1.32 6.33
CA PRO A 22 1.14 2.13 7.24
C PRO A 22 0.29 3.16 6.47
N GLN A 23 -0.84 3.52 7.00
CA GLN A 23 -1.71 4.51 6.31
C GLN A 23 -0.96 5.84 6.18
N LEU A 24 -0.06 6.11 7.07
CA LEU A 24 0.70 7.40 6.99
C LEU A 24 1.36 7.52 5.63
N LEU A 25 1.82 6.43 5.08
CA LEU A 25 2.49 6.47 3.75
C LEU A 25 1.44 6.31 2.65
N HIS A 26 0.18 6.47 2.97
CA HIS A 26 -0.88 6.32 1.96
C HIS A 26 -1.02 7.63 1.17
N CYS A 27 -0.72 7.60 -0.11
CA CYS A 27 -0.83 8.84 -0.93
C CYS A 27 -0.18 10.00 -0.17
N ASN A 28 0.92 9.76 0.49
CA ASN A 28 1.59 10.87 1.23
C ASN A 28 2.60 11.56 0.31
N GLY A 29 2.58 11.25 -0.95
CA GLY A 29 3.52 11.89 -1.90
C GLY A 29 4.94 11.36 -1.66
N VAL A 30 5.06 10.13 -1.25
CA VAL A 30 6.41 9.56 -1.00
C VAL A 30 6.55 8.24 -1.76
N ASP A 31 7.68 8.01 -2.37
CA ASP A 31 7.88 6.73 -3.12
C ASP A 31 8.30 5.62 -2.15
N ASP A 32 7.47 4.63 -2.00
CA ASP A 32 7.82 3.51 -1.07
C ASP A 32 7.43 2.18 -1.70
N CYS A 33 6.21 2.06 -2.16
CA CYS A 33 5.75 0.79 -2.79
C CYS A 33 6.67 0.44 -3.96
N GLY A 34 7.08 1.42 -4.72
CA GLY A 34 7.98 1.14 -5.88
C GLY A 34 7.48 1.90 -7.12
N ASN A 35 6.40 1.46 -7.69
CA ASN A 35 5.86 2.16 -8.89
C ASN A 35 4.94 3.30 -8.45
N GLN A 36 5.08 3.76 -7.24
CA GLN A 36 4.22 4.87 -6.75
C GLN A 36 2.75 4.49 -6.95
N ALA A 37 2.40 3.26 -6.69
CA ALA A 37 0.98 2.85 -6.87
C ALA A 37 0.11 3.51 -5.79
N ASP A 38 0.63 3.65 -4.59
CA ASP A 38 -0.16 4.29 -3.52
C ASP A 38 -0.45 5.74 -3.89
N GLU A 39 0.43 6.36 -4.61
CA GLU A 39 0.21 7.79 -5.01
C GLU A 39 -0.70 7.84 -6.23
N ASP A 40 -1.29 6.73 -6.60
CA ASP A 40 -2.18 6.72 -7.79
C ASP A 40 -3.36 7.67 -7.54
N ASN A 41 -4.34 7.65 -8.40
CA ASN A 41 -5.51 8.56 -8.22
C ASN A 41 -5.98 8.51 -6.77
N CYS A 42 -5.57 7.50 -6.04
CA CYS A 42 -5.98 7.40 -4.61
C CYS A 42 -7.51 7.55 -4.51
N GLY A 43 -7.99 8.75 -4.37
CA GLY A 43 -9.47 8.94 -4.27
C GLY A 43 -9.98 8.29 -2.98
N GLY A 1 -12.95 -16.27 -0.25
CA GLY A 1 -12.03 -15.07 -0.01
C GLY A 1 -10.64 -15.09 -0.55
N SER A 2 -10.21 -16.22 -1.05
CA SER A 2 -8.83 -16.30 -1.61
C SER A 2 -7.81 -16.15 -0.47
N GLN A 3 -8.03 -15.22 0.41
CA GLN A 3 -7.07 -15.02 1.53
C GLN A 3 -5.66 -14.86 0.98
N ASP A 4 -5.51 -14.08 -0.06
CA ASP A 4 -4.15 -13.89 -0.65
C ASP A 4 -3.46 -12.70 0.04
N VAL A 5 -4.03 -12.22 1.11
CA VAL A 5 -3.41 -11.06 1.82
C VAL A 5 -3.26 -11.40 3.31
N LYS A 6 -2.37 -10.74 3.99
CA LYS A 6 -2.18 -11.03 5.44
C LYS A 6 -1.60 -9.78 6.13
N CYS A 7 -2.14 -8.63 5.84
CA CYS A 7 -1.62 -7.39 6.48
C CYS A 7 -2.53 -7.02 7.67
N SER A 8 -1.95 -6.55 8.74
CA SER A 8 -2.77 -6.19 9.93
C SER A 8 -3.66 -4.99 9.58
N LEU A 9 -4.55 -4.62 10.47
CA LEU A 9 -5.43 -3.46 10.20
C LEU A 9 -4.61 -2.17 10.18
N GLY A 10 -5.04 -1.20 9.43
CA GLY A 10 -4.28 0.08 9.36
C GLY A 10 -3.30 0.02 8.18
N TYR A 11 -3.17 -1.11 7.55
CA TYR A 11 -2.24 -1.22 6.39
C TYR A 11 -3.01 -1.71 5.16
N PHE A 12 -2.56 -1.35 3.99
CA PHE A 12 -3.27 -1.79 2.76
C PHE A 12 -2.24 -2.11 1.67
N PRO A 13 -2.31 -3.29 1.13
CA PRO A 13 -1.39 -3.75 0.04
C PRO A 13 -1.25 -2.70 -1.06
N CYS A 14 -0.06 -2.53 -1.58
CA CYS A 14 0.14 -1.54 -2.67
C CYS A 14 -0.64 -1.97 -3.91
N GLY A 15 -0.94 -3.23 -4.03
CA GLY A 15 -1.72 -3.71 -5.21
C GLY A 15 -1.29 -5.14 -5.54
N ASN A 16 -0.66 -5.33 -6.68
CA ASN A 16 -0.22 -6.70 -7.06
C ASN A 16 1.14 -6.99 -6.42
N ILE A 17 1.59 -6.12 -5.56
CA ILE A 17 2.91 -6.35 -4.90
C ILE A 17 2.70 -6.96 -3.52
N THR A 18 3.54 -7.89 -3.13
CA THR A 18 3.38 -8.52 -1.80
C THR A 18 3.96 -7.59 -0.73
N LYS A 19 3.45 -6.39 -0.64
CA LYS A 19 3.97 -5.43 0.38
C LYS A 19 2.81 -4.60 0.95
N CYS A 20 2.84 -4.31 2.21
CA CYS A 20 1.75 -3.50 2.82
C CYS A 20 2.35 -2.30 3.55
N LEU A 21 1.67 -1.18 3.52
CA LEU A 21 2.21 0.03 4.21
C LEU A 21 1.08 0.73 4.95
N PRO A 22 1.40 1.38 6.04
CA PRO A 22 0.40 2.12 6.86
C PRO A 22 -0.20 3.31 6.11
N GLN A 23 -1.37 3.73 6.49
CA GLN A 23 -2.02 4.89 5.79
C GLN A 23 -1.10 6.10 5.88
N LEU A 24 -0.19 6.11 6.81
CA LEU A 24 0.72 7.28 6.95
C LEU A 24 1.45 7.52 5.62
N LEU A 25 1.80 6.47 4.93
CA LEU A 25 2.53 6.64 3.64
C LEU A 25 1.52 6.72 2.49
N HIS A 26 0.26 6.84 2.80
CA HIS A 26 -0.77 6.93 1.73
C HIS A 26 -0.71 8.31 1.08
N CYS A 27 -0.15 8.41 -0.09
CA CYS A 27 -0.06 9.73 -0.78
C CYS A 27 0.57 10.75 0.17
N ASN A 28 1.69 10.42 0.76
CA ASN A 28 2.35 11.37 1.70
C ASN A 28 3.34 12.24 0.92
N GLY A 29 3.98 11.68 -0.07
CA GLY A 29 4.95 12.47 -0.86
C GLY A 29 6.26 11.69 -1.01
N VAL A 30 6.19 10.40 -0.95
CA VAL A 30 7.42 9.57 -1.09
C VAL A 30 7.10 8.28 -1.85
N ASP A 31 7.99 7.83 -2.68
CA ASP A 31 7.74 6.57 -3.43
C ASP A 31 8.17 5.36 -2.58
N ASP A 32 7.23 4.67 -2.00
CA ASP A 32 7.58 3.49 -1.17
C ASP A 32 7.09 2.22 -1.84
N CYS A 33 5.84 2.17 -2.21
CA CYS A 33 5.31 0.95 -2.89
C CYS A 33 6.25 0.53 -4.02
N GLY A 34 6.69 1.48 -4.82
CA GLY A 34 7.61 1.13 -5.94
C GLY A 34 7.17 1.85 -7.22
N ASN A 35 5.97 1.59 -7.66
CA ASN A 35 5.48 2.26 -8.90
C ASN A 35 4.78 3.57 -8.52
N GLN A 36 3.50 3.52 -8.27
CA GLN A 36 2.76 4.76 -7.91
C GLN A 36 1.34 4.41 -7.51
N ALA A 37 1.11 3.19 -7.10
CA ALA A 37 -0.26 2.78 -6.69
C ALA A 37 -0.70 3.59 -5.46
N ASP A 38 0.14 3.69 -4.48
CA ASP A 38 -0.23 4.48 -3.26
C ASP A 38 -0.37 5.95 -3.64
N GLU A 39 0.37 6.40 -4.60
CA GLU A 39 0.28 7.83 -5.02
C GLU A 39 -0.87 8.00 -6.01
N ASP A 40 -1.80 7.10 -6.01
CA ASP A 40 -2.95 7.21 -6.97
C ASP A 40 -3.78 8.44 -6.61
N ASN A 41 -4.83 8.69 -7.35
CA ASN A 41 -5.68 9.88 -7.06
C ASN A 41 -6.22 9.78 -5.63
N CYS A 42 -5.52 10.34 -4.68
CA CYS A 42 -5.99 10.28 -3.27
C CYS A 42 -6.93 11.46 -3.00
N GLY A 43 -7.78 11.33 -2.01
CA GLY A 43 -8.72 12.44 -1.69
C GLY A 43 -9.93 12.38 -2.63
N GLY A 1 1.35 -13.03 -7.94
CA GLY A 1 0.58 -13.09 -9.26
C GLY A 1 -0.85 -13.51 -9.25
N SER A 2 -1.30 -14.11 -8.17
CA SER A 2 -2.72 -14.55 -8.09
C SER A 2 -3.23 -14.39 -6.66
N GLN A 3 -4.50 -14.16 -6.50
CA GLN A 3 -5.05 -13.99 -5.12
C GLN A 3 -4.25 -12.93 -4.37
N ASP A 4 -4.67 -11.70 -4.46
CA ASP A 4 -3.94 -10.61 -3.74
C ASP A 4 -4.05 -10.82 -2.24
N VAL A 5 -3.04 -10.46 -1.50
CA VAL A 5 -3.08 -10.64 -0.02
C VAL A 5 -3.47 -9.32 0.64
N LYS A 6 -4.37 -9.35 1.59
CA LYS A 6 -4.79 -8.09 2.27
C LYS A 6 -3.76 -7.74 3.35
N CYS A 7 -3.74 -6.50 3.78
CA CYS A 7 -2.76 -6.10 4.82
C CYS A 7 -3.45 -6.07 6.19
N SER A 8 -2.69 -6.14 7.26
CA SER A 8 -3.31 -6.11 8.61
C SER A 8 -3.92 -4.74 8.87
N LEU A 9 -4.56 -4.56 9.99
CA LEU A 9 -5.18 -3.23 10.30
C LEU A 9 -4.08 -2.19 10.49
N GLY A 10 -4.31 -0.99 10.03
CA GLY A 10 -3.26 0.06 10.18
C GLY A 10 -2.30 0.01 8.99
N TYR A 11 -2.55 -0.88 8.07
CA TYR A 11 -1.65 -0.98 6.88
C TYR A 11 -2.48 -1.27 5.63
N PHE A 12 -1.97 -0.95 4.48
CA PHE A 12 -2.73 -1.20 3.22
C PHE A 12 -1.77 -1.68 2.13
N PRO A 13 -2.24 -2.54 1.26
CA PRO A 13 -1.42 -3.07 0.13
C PRO A 13 -1.23 -2.05 -0.98
N CYS A 14 -0.08 -2.03 -1.60
CA CYS A 14 0.16 -1.07 -2.71
C CYS A 14 -0.70 -1.45 -3.93
N GLY A 15 -1.23 -2.65 -3.94
CA GLY A 15 -2.07 -3.09 -5.08
C GLY A 15 -1.73 -4.54 -5.43
N ASN A 16 -1.25 -4.77 -6.62
CA ASN A 16 -0.90 -6.18 -7.02
C ASN A 16 0.51 -6.50 -6.51
N ILE A 17 1.06 -5.66 -5.68
CA ILE A 17 2.43 -5.92 -5.16
C ILE A 17 2.33 -6.62 -3.80
N THR A 18 3.19 -7.57 -3.54
CA THR A 18 3.15 -8.27 -2.23
C THR A 18 3.86 -7.43 -1.17
N LYS A 19 3.15 -6.54 -0.53
CA LYS A 19 3.78 -5.69 0.52
C LYS A 19 2.70 -4.87 1.22
N CYS A 20 3.04 -4.24 2.31
CA CYS A 20 2.05 -3.42 3.05
C CYS A 20 2.77 -2.27 3.73
N LEU A 21 2.19 -1.11 3.78
CA LEU A 21 2.86 0.05 4.42
C LEU A 21 1.87 0.80 5.32
N PRO A 22 2.36 1.41 6.36
CA PRO A 22 1.52 2.20 7.30
C PRO A 22 0.55 3.14 6.57
N GLN A 23 -0.62 3.34 7.11
CA GLN A 23 -1.60 4.25 6.44
C GLN A 23 -1.00 5.65 6.30
N LEU A 24 -0.09 5.99 7.18
CA LEU A 24 0.53 7.35 7.10
C LEU A 24 1.24 7.51 5.74
N LEU A 25 1.80 6.46 5.23
CA LEU A 25 2.50 6.55 3.91
C LEU A 25 1.48 6.38 2.78
N HIS A 26 0.22 6.37 3.10
CA HIS A 26 -0.82 6.20 2.04
C HIS A 26 -1.02 7.53 1.30
N CYS A 27 -0.78 7.56 0.02
CA CYS A 27 -0.96 8.82 -0.75
C CYS A 27 -0.31 9.98 0.02
N ASN A 28 0.84 9.74 0.60
CA ASN A 28 1.52 10.83 1.36
C ASN A 28 2.51 11.54 0.44
N GLY A 29 2.52 11.19 -0.82
CA GLY A 29 3.46 11.85 -1.77
C GLY A 29 4.87 11.33 -1.54
N VAL A 30 5.01 10.09 -1.17
CA VAL A 30 6.37 9.53 -0.94
C VAL A 30 6.54 8.24 -1.74
N ASP A 31 7.66 8.06 -2.38
CA ASP A 31 7.89 6.83 -3.19
C ASP A 31 8.32 5.69 -2.27
N ASP A 32 7.43 4.78 -1.96
CA ASP A 32 7.80 3.64 -1.08
C ASP A 32 7.42 2.33 -1.75
N CYS A 33 6.21 2.23 -2.23
CA CYS A 33 5.78 0.97 -2.91
C CYS A 33 6.68 0.70 -4.11
N GLY A 34 7.25 1.73 -4.69
CA GLY A 34 8.13 1.52 -5.86
C GLY A 34 7.32 1.68 -7.15
N ASN A 35 6.16 1.09 -7.21
CA ASN A 35 5.32 1.21 -8.43
C ASN A 35 4.45 2.47 -8.34
N GLN A 36 4.66 3.27 -7.33
CA GLN A 36 3.86 4.51 -7.19
C GLN A 36 2.38 4.17 -7.26
N ALA A 37 2.01 2.97 -6.88
CA ALA A 37 0.57 2.58 -6.92
C ALA A 37 -0.18 3.28 -5.78
N ASP A 38 0.43 3.40 -4.63
CA ASP A 38 -0.25 4.07 -3.49
C ASP A 38 -0.50 5.55 -3.84
N GLU A 39 0.36 6.13 -4.63
CA GLU A 39 0.16 7.56 -5.00
C GLU A 39 -0.78 7.65 -6.20
N ASP A 40 -1.46 6.58 -6.52
CA ASP A 40 -2.40 6.60 -7.68
C ASP A 40 -3.42 7.72 -7.48
N ASN A 41 -4.43 7.78 -8.31
CA ASN A 41 -5.47 8.85 -8.16
C ASN A 41 -5.89 8.94 -6.69
N CYS A 42 -5.63 7.92 -5.92
CA CYS A 42 -6.02 7.97 -4.48
C CYS A 42 -7.50 8.35 -4.36
N GLY A 43 -8.36 7.64 -5.05
CA GLY A 43 -9.81 7.96 -4.98
C GLY A 43 -10.62 6.85 -5.63
N GLY A 1 -10.03 -14.17 2.00
CA GLY A 1 -11.07 -13.60 1.04
C GLY A 1 -10.63 -13.03 -0.27
N SER A 2 -9.35 -12.87 -0.45
CA SER A 2 -8.84 -12.31 -1.73
C SER A 2 -7.50 -12.96 -2.08
N GLN A 3 -7.20 -13.08 -3.35
CA GLN A 3 -5.91 -13.71 -3.75
C GLN A 3 -4.75 -12.94 -3.10
N ASP A 4 -4.88 -11.66 -2.97
CA ASP A 4 -3.79 -10.86 -2.34
C ASP A 4 -3.66 -11.25 -0.87
N VAL A 5 -2.46 -11.26 -0.36
CA VAL A 5 -2.26 -11.62 1.08
C VAL A 5 -2.91 -10.57 1.96
N LYS A 6 -3.63 -11.00 2.97
CA LYS A 6 -4.31 -10.02 3.88
C LYS A 6 -3.27 -9.37 4.77
N CYS A 7 -3.45 -8.12 5.09
CA CYS A 7 -2.47 -7.41 5.96
C CYS A 7 -3.15 -7.03 7.29
N SER A 8 -2.39 -6.80 8.32
CA SER A 8 -2.99 -6.45 9.63
C SER A 8 -3.77 -5.14 9.49
N LEU A 9 -4.52 -4.78 10.50
CA LEU A 9 -5.31 -3.52 10.43
C LEU A 9 -4.34 -2.32 10.46
N GLY A 10 -4.72 -1.23 9.85
CA GLY A 10 -3.82 -0.04 9.82
C GLY A 10 -2.85 -0.15 8.65
N TYR A 11 -2.88 -1.25 7.93
CA TYR A 11 -1.96 -1.41 6.78
C TYR A 11 -2.77 -1.77 5.53
N PHE A 12 -2.26 -1.45 4.37
CA PHE A 12 -2.99 -1.77 3.12
C PHE A 12 -2.00 -2.17 2.03
N PRO A 13 -2.40 -3.05 1.16
CA PRO A 13 -1.55 -3.53 0.03
C PRO A 13 -1.35 -2.45 -1.04
N CYS A 14 -0.18 -2.38 -1.61
CA CYS A 14 0.08 -1.35 -2.66
C CYS A 14 -0.75 -1.66 -3.90
N GLY A 15 -1.11 -2.90 -4.09
CA GLY A 15 -1.91 -3.29 -5.28
C GLY A 15 -1.50 -4.68 -5.76
N ASN A 16 -0.86 -4.77 -6.89
CA ASN A 16 -0.43 -6.10 -7.40
C ASN A 16 0.90 -6.48 -6.76
N ILE A 17 1.37 -5.71 -5.82
CA ILE A 17 2.67 -6.03 -5.17
C ILE A 17 2.41 -6.66 -3.80
N THR A 18 3.14 -7.69 -3.46
CA THR A 18 2.93 -8.34 -2.14
C THR A 18 3.59 -7.50 -1.04
N LYS A 19 3.14 -6.28 -0.85
CA LYS A 19 3.74 -5.42 0.20
C LYS A 19 2.64 -4.56 0.83
N CYS A 20 2.75 -4.28 2.11
CA CYS A 20 1.73 -3.43 2.77
C CYS A 20 2.43 -2.30 3.54
N LEU A 21 1.84 -1.14 3.60
CA LEU A 21 2.47 -0.02 4.34
C LEU A 21 1.40 0.75 5.12
N PRO A 22 1.78 1.37 6.19
CA PRO A 22 0.86 2.19 7.03
C PRO A 22 0.10 3.23 6.21
N GLN A 23 -1.10 3.56 6.62
CA GLN A 23 -1.89 4.58 5.87
C GLN A 23 -1.13 5.91 5.85
N LEU A 24 -0.29 6.13 6.83
CA LEU A 24 0.47 7.41 6.87
C LEU A 24 1.33 7.55 5.62
N LEU A 25 1.82 6.45 5.11
CA LEU A 25 2.68 6.52 3.89
C LEU A 25 1.79 6.48 2.64
N HIS A 26 0.51 6.62 2.82
CA HIS A 26 -0.40 6.60 1.64
C HIS A 26 -0.62 8.03 1.14
N CYS A 27 -0.49 8.25 -0.14
CA CYS A 27 -0.68 9.62 -0.69
C CYS A 27 0.18 10.61 0.10
N ASN A 28 1.45 10.68 -0.18
CA ASN A 28 2.32 11.64 0.54
C ASN A 28 3.36 12.21 -0.43
N GLY A 29 3.36 11.75 -1.65
CA GLY A 29 4.35 12.28 -2.64
C GLY A 29 5.68 11.55 -2.48
N VAL A 30 5.75 10.59 -1.61
CA VAL A 30 7.02 9.84 -1.40
C VAL A 30 6.88 8.44 -2.01
N ASP A 31 7.92 7.96 -2.64
CA ASP A 31 7.85 6.60 -3.26
C ASP A 31 8.29 5.55 -2.22
N ASP A 32 7.47 4.58 -1.98
CA ASP A 32 7.85 3.52 -0.99
C ASP A 32 7.45 2.15 -1.54
N CYS A 33 6.22 1.99 -1.95
CA CYS A 33 5.77 0.68 -2.49
C CYS A 33 6.72 0.24 -3.62
N GLY A 34 7.10 1.16 -4.46
CA GLY A 34 8.01 0.80 -5.58
C GLY A 34 7.68 1.65 -6.81
N ASN A 35 6.45 2.09 -6.92
CA ASN A 35 6.06 2.91 -8.09
C ASN A 35 5.20 4.09 -7.62
N GLN A 36 3.91 3.97 -7.76
CA GLN A 36 3.01 5.07 -7.32
C GLN A 36 1.62 4.51 -7.02
N ALA A 37 1.51 3.22 -6.88
CA ALA A 37 0.18 2.61 -6.61
C ALA A 37 -0.38 3.19 -5.29
N ASP A 38 0.46 3.32 -4.29
CA ASP A 38 -0.03 3.87 -3.00
C ASP A 38 -0.50 5.31 -3.19
N GLU A 39 0.09 6.03 -4.10
CA GLU A 39 -0.33 7.43 -4.34
C GLU A 39 -1.64 7.46 -5.12
N ASP A 40 -1.68 6.80 -6.25
CA ASP A 40 -2.93 6.78 -7.06
C ASP A 40 -3.52 8.19 -7.13
N ASN A 41 -4.75 8.31 -7.56
CA ASN A 41 -5.37 9.66 -7.65
C ASN A 41 -5.78 10.12 -6.25
N CYS A 42 -5.47 9.34 -5.25
CA CYS A 42 -5.84 9.73 -3.85
C CYS A 42 -7.30 10.17 -3.83
N GLY A 43 -7.76 10.69 -2.71
CA GLY A 43 -9.18 11.13 -2.62
C GLY A 43 -10.11 9.95 -2.93
N GLY A 1 -12.14 -14.08 6.94
CA GLY A 1 -12.78 -13.46 5.71
C GLY A 1 -12.66 -14.14 4.38
N SER A 2 -13.65 -14.01 3.54
CA SER A 2 -13.58 -14.67 2.21
C SER A 2 -12.33 -14.21 1.46
N GLN A 3 -11.96 -12.96 1.63
CA GLN A 3 -10.75 -12.45 0.93
C GLN A 3 -9.54 -12.55 1.86
N ASP A 4 -8.57 -13.34 1.50
CA ASP A 4 -7.37 -13.48 2.36
C ASP A 4 -6.45 -12.27 2.15
N VAL A 5 -5.89 -11.75 3.22
CA VAL A 5 -4.98 -10.58 3.09
C VAL A 5 -3.76 -10.76 4.00
N LYS A 6 -2.60 -10.38 3.53
CA LYS A 6 -1.38 -10.54 4.37
C LYS A 6 -1.08 -9.21 5.07
N CYS A 7 -2.09 -8.46 5.43
CA CYS A 7 -1.87 -7.17 6.12
C CYS A 7 -2.81 -7.06 7.31
N SER A 8 -2.35 -6.50 8.40
CA SER A 8 -3.23 -6.37 9.60
C SER A 8 -4.03 -5.08 9.50
N LEU A 9 -4.57 -4.61 10.60
CA LEU A 9 -5.36 -3.35 10.57
C LEU A 9 -4.42 -2.15 10.59
N GLY A 10 -4.74 -1.11 9.86
CA GLY A 10 -3.85 0.09 9.85
C GLY A 10 -2.87 -0.03 8.68
N TYR A 11 -2.95 -1.09 7.93
CA TYR A 11 -2.02 -1.25 6.78
C TYR A 11 -2.81 -1.62 5.52
N PHE A 12 -2.28 -1.33 4.36
CA PHE A 12 -3.01 -1.66 3.11
C PHE A 12 -2.01 -2.00 2.00
N PRO A 13 -2.37 -2.89 1.13
CA PRO A 13 -1.51 -3.30 -0.02
C PRO A 13 -1.46 -2.22 -1.11
N CYS A 14 -0.36 -2.13 -1.81
CA CYS A 14 -0.24 -1.10 -2.88
C CYS A 14 -0.84 -1.65 -4.17
N GLY A 15 -1.20 -2.92 -4.18
CA GLY A 15 -1.79 -3.51 -5.41
C GLY A 15 -0.68 -4.06 -6.30
N ASN A 16 -0.83 -5.27 -6.79
CA ASN A 16 0.22 -5.85 -7.67
C ASN A 16 1.49 -6.10 -6.85
N ILE A 17 1.68 -5.36 -5.80
CA ILE A 17 2.90 -5.55 -4.96
C ILE A 17 2.53 -6.29 -3.68
N THR A 18 3.24 -7.34 -3.35
CA THR A 18 2.93 -8.09 -2.10
C THR A 18 3.51 -7.35 -0.90
N LYS A 19 3.15 -6.13 -0.70
CA LYS A 19 3.70 -5.35 0.45
C LYS A 19 2.64 -4.38 0.97
N CYS A 20 2.49 -4.29 2.27
CA CYS A 20 1.48 -3.36 2.84
C CYS A 20 2.21 -2.29 3.66
N LEU A 21 1.69 -1.09 3.69
CA LEU A 21 2.38 -0.01 4.47
C LEU A 21 1.33 0.79 5.24
N PRO A 22 1.74 1.36 6.35
CA PRO A 22 0.84 2.19 7.20
C PRO A 22 0.11 3.26 6.39
N GLN A 23 -1.08 3.62 6.80
CA GLN A 23 -1.84 4.68 6.06
C GLN A 23 -1.05 5.98 6.06
N LEU A 24 -0.19 6.16 7.03
CA LEU A 24 0.60 7.42 7.09
C LEU A 24 1.42 7.57 5.80
N LEU A 25 1.91 6.48 5.28
CA LEU A 25 2.73 6.56 4.04
C LEU A 25 1.80 6.55 2.81
N HIS A 26 0.52 6.60 3.03
CA HIS A 26 -0.43 6.60 1.88
C HIS A 26 -0.60 8.03 1.38
N CYS A 27 -0.50 8.23 0.08
CA CYS A 27 -0.65 9.60 -0.47
C CYS A 27 0.25 10.57 0.28
N ASN A 28 1.34 10.07 0.83
CA ASN A 28 2.26 10.97 1.58
C ASN A 28 3.24 11.63 0.59
N GLY A 29 3.07 11.38 -0.68
CA GLY A 29 3.98 12.00 -1.68
C GLY A 29 5.37 11.39 -1.55
N VAL A 30 5.45 10.12 -1.26
CA VAL A 30 6.79 9.47 -1.13
C VAL A 30 6.79 8.15 -1.90
N ASP A 31 7.84 7.87 -2.62
CA ASP A 31 7.90 6.60 -3.39
C ASP A 31 8.35 5.46 -2.47
N ASP A 32 7.45 4.62 -2.06
CA ASP A 32 7.82 3.50 -1.15
C ASP A 32 7.55 2.17 -1.86
N CYS A 33 6.33 1.93 -2.25
CA CYS A 33 6.01 0.65 -2.95
C CYS A 33 6.77 0.59 -4.28
N GLY A 34 7.08 1.72 -4.85
CA GLY A 34 7.83 1.73 -6.13
C GLY A 34 6.85 1.72 -7.31
N ASN A 35 5.71 1.11 -7.13
CA ASN A 35 4.71 1.07 -8.24
C ASN A 35 3.89 2.35 -8.22
N GLN A 36 4.22 3.28 -7.37
CA GLN A 36 3.46 4.56 -7.32
C GLN A 36 1.96 4.26 -7.27
N ALA A 37 1.60 3.03 -7.00
CA ALA A 37 0.17 2.67 -6.93
C ALA A 37 -0.50 3.40 -5.77
N ASP A 38 0.20 3.52 -4.67
CA ASP A 38 -0.39 4.22 -3.49
C ASP A 38 -0.58 5.71 -3.83
N GLU A 39 0.26 6.25 -4.67
CA GLU A 39 0.11 7.69 -5.05
C GLU A 39 -0.78 7.81 -6.28
N ASP A 40 -1.46 6.77 -6.64
CA ASP A 40 -2.35 6.83 -7.83
C ASP A 40 -3.46 7.86 -7.58
N ASN A 41 -3.14 9.12 -7.70
CA ASN A 41 -4.18 10.17 -7.47
C ASN A 41 -5.03 9.79 -6.27
N CYS A 42 -4.45 9.14 -5.29
CA CYS A 42 -5.23 8.74 -4.09
C CYS A 42 -6.56 8.11 -4.53
N GLY A 43 -7.59 8.90 -4.63
CA GLY A 43 -8.92 8.34 -5.05
C GLY A 43 -9.99 9.41 -4.87
N GLY A 1 -11.40 -21.44 -2.26
CA GLY A 1 -10.86 -21.70 -0.85
C GLY A 1 -11.05 -20.66 0.20
N SER A 2 -11.56 -19.52 -0.16
CA SER A 2 -11.78 -18.45 0.85
C SER A 2 -10.47 -18.19 1.60
N GLN A 3 -9.40 -18.81 1.18
CA GLN A 3 -8.10 -18.59 1.88
C GLN A 3 -7.29 -17.53 1.13
N ASP A 4 -6.85 -16.52 1.81
CA ASP A 4 -6.05 -15.44 1.13
C ASP A 4 -5.16 -14.75 2.16
N VAL A 5 -4.17 -14.02 1.70
CA VAL A 5 -3.27 -13.32 2.65
C VAL A 5 -3.83 -11.93 2.96
N LYS A 6 -3.77 -11.51 4.19
CA LYS A 6 -4.31 -10.17 4.56
C LYS A 6 -3.31 -9.45 5.47
N CYS A 7 -3.33 -8.15 5.48
CA CYS A 7 -2.39 -7.39 6.36
C CYS A 7 -3.13 -6.93 7.61
N SER A 8 -2.41 -6.64 8.66
CA SER A 8 -3.07 -6.19 9.91
C SER A 8 -3.87 -4.91 9.63
N LEU A 9 -4.75 -4.54 10.52
CA LEU A 9 -5.56 -3.31 10.31
C LEU A 9 -4.65 -2.08 10.33
N GLY A 10 -5.00 -1.07 9.60
CA GLY A 10 -4.15 0.16 9.57
C GLY A 10 -3.12 0.05 8.45
N TYR A 11 -3.08 -1.07 7.77
CA TYR A 11 -2.10 -1.24 6.67
C TYR A 11 -2.83 -1.69 5.40
N PHE A 12 -2.30 -1.37 4.25
CA PHE A 12 -2.97 -1.76 2.98
C PHE A 12 -1.91 -2.12 1.94
N PRO A 13 -2.21 -3.08 1.10
CA PRO A 13 -1.28 -3.54 0.03
C PRO A 13 -1.16 -2.52 -1.11
N CYS A 14 0.00 -2.38 -1.68
CA CYS A 14 0.18 -1.40 -2.79
C CYS A 14 -0.70 -1.82 -3.98
N GLY A 15 -0.96 -3.09 -4.11
CA GLY A 15 -1.82 -3.56 -5.24
C GLY A 15 -1.42 -4.98 -5.63
N ASN A 16 -0.76 -5.14 -6.74
CA ASN A 16 -0.34 -6.51 -7.16
C ASN A 16 1.02 -6.85 -6.53
N ILE A 17 1.48 -6.01 -5.64
CA ILE A 17 2.80 -6.28 -4.99
C ILE A 17 2.57 -6.84 -3.59
N THR A 18 3.36 -7.79 -3.18
CA THR A 18 3.19 -8.37 -1.81
C THR A 18 3.86 -7.45 -0.79
N LYS A 19 3.37 -6.25 -0.64
CA LYS A 19 3.98 -5.31 0.34
C LYS A 19 2.88 -4.46 0.98
N CYS A 20 2.88 -4.34 2.27
CA CYS A 20 1.83 -3.52 2.94
C CYS A 20 2.50 -2.33 3.65
N LEU A 21 1.84 -1.20 3.65
CA LEU A 21 2.42 0.00 4.33
C LEU A 21 1.33 0.72 5.11
N PRO A 22 1.69 1.35 6.20
CA PRO A 22 0.73 2.09 7.06
C PRO A 22 0.10 3.28 6.33
N GLN A 23 -1.07 3.69 6.76
CA GLN A 23 -1.75 4.84 6.09
C GLN A 23 -0.84 6.08 6.16
N LEU A 24 0.06 6.11 7.10
CA LEU A 24 0.96 7.29 7.22
C LEU A 24 1.72 7.50 5.91
N LEU A 25 2.08 6.43 5.25
CA LEU A 25 2.82 6.57 3.96
C LEU A 25 1.82 6.60 2.80
N HIS A 26 0.56 6.58 3.08
CA HIS A 26 -0.45 6.61 2.00
C HIS A 26 -0.66 8.05 1.52
N CYS A 27 -0.52 8.28 0.25
CA CYS A 27 -0.71 9.67 -0.27
C CYS A 27 0.16 10.64 0.52
N ASN A 28 1.27 10.18 1.03
CA ASN A 28 2.16 11.08 1.82
C ASN A 28 3.15 11.77 0.88
N GLY A 29 2.99 11.56 -0.41
CA GLY A 29 3.92 12.22 -1.38
C GLY A 29 5.31 11.60 -1.25
N VAL A 30 5.39 10.30 -1.12
CA VAL A 30 6.71 9.64 -1.00
C VAL A 30 6.72 8.35 -1.83
N ASP A 31 7.81 8.08 -2.50
CA ASP A 31 7.89 6.84 -3.31
C ASP A 31 8.19 5.64 -2.40
N ASP A 32 7.33 4.65 -2.40
CA ASP A 32 7.56 3.47 -1.54
C ASP A 32 7.07 2.21 -2.26
N CYS A 33 5.86 2.22 -2.71
CA CYS A 33 5.32 1.02 -3.43
C CYS A 33 6.19 0.74 -4.66
N GLY A 34 6.89 1.73 -5.14
CA GLY A 34 7.76 1.52 -6.34
C GLY A 34 6.99 1.94 -7.60
N ASN A 35 5.82 1.39 -7.81
CA ASN A 35 5.03 1.77 -9.01
C ASN A 35 4.14 2.97 -8.68
N GLN A 36 4.39 3.62 -7.57
CA GLN A 36 3.56 4.80 -7.20
C GLN A 36 2.08 4.40 -7.21
N ALA A 37 1.78 3.17 -6.86
CA ALA A 37 0.36 2.73 -6.86
C ALA A 37 -0.39 3.41 -5.71
N ASP A 38 0.30 3.73 -4.65
CA ASP A 38 -0.37 4.39 -3.49
C ASP A 38 -0.55 5.88 -3.79
N GLU A 39 0.32 6.44 -4.58
CA GLU A 39 0.22 7.89 -4.90
C GLU A 39 -0.77 8.10 -6.04
N ASP A 40 -0.86 7.15 -6.94
CA ASP A 40 -1.80 7.30 -8.08
C ASP A 40 -3.18 6.76 -7.68
N ASN A 41 -3.67 7.13 -6.54
CA ASN A 41 -5.02 6.65 -6.11
C ASN A 41 -5.56 7.57 -5.01
N CYS A 42 -5.04 8.75 -4.91
CA CYS A 42 -5.53 9.69 -3.85
C CYS A 42 -6.62 10.59 -4.45
N GLY A 43 -7.41 11.20 -3.60
CA GLY A 43 -8.49 12.09 -4.12
C GLY A 43 -9.47 12.39 -2.98
N GLY A 1 -10.11 -15.44 -7.28
CA GLY A 1 -9.43 -14.18 -7.82
C GLY A 1 -8.54 -13.39 -6.93
N SER A 2 -7.76 -12.50 -7.48
CA SER A 2 -6.85 -11.66 -6.64
C SER A 2 -6.08 -12.58 -5.69
N GLN A 3 -5.29 -12.00 -4.82
CA GLN A 3 -4.50 -12.83 -3.87
C GLN A 3 -5.36 -13.14 -2.63
N ASP A 4 -5.10 -14.25 -1.99
CA ASP A 4 -5.91 -14.60 -0.78
C ASP A 4 -5.23 -14.05 0.47
N VAL A 5 -4.25 -13.20 0.30
CA VAL A 5 -3.55 -12.63 1.48
C VAL A 5 -3.86 -11.14 1.59
N LYS A 6 -4.12 -10.66 2.78
CA LYS A 6 -4.43 -9.22 2.95
C LYS A 6 -3.83 -8.72 4.27
N CYS A 7 -3.46 -7.47 4.32
CA CYS A 7 -2.86 -6.93 5.58
C CYS A 7 -3.93 -6.15 6.35
N SER A 8 -4.16 -6.51 7.59
CA SER A 8 -5.19 -5.80 8.39
C SER A 8 -4.57 -4.59 9.08
N LEU A 9 -5.17 -4.12 10.14
CA LEU A 9 -4.61 -2.94 10.85
C LEU A 9 -4.51 -1.76 9.88
N GLY A 10 -3.83 -0.71 10.27
CA GLY A 10 -3.69 0.47 9.38
C GLY A 10 -2.74 0.14 8.24
N TYR A 11 -2.47 -1.12 8.02
CA TYR A 11 -1.55 -1.51 6.91
C TYR A 11 -2.36 -1.99 5.71
N PHE A 12 -1.96 -1.61 4.53
CA PHE A 12 -2.71 -2.05 3.31
C PHE A 12 -1.72 -2.40 2.20
N PRO A 13 -2.07 -3.36 1.39
CA PRO A 13 -1.21 -3.83 0.27
C PRO A 13 -1.11 -2.78 -0.85
N CYS A 14 0.06 -2.60 -1.41
CA CYS A 14 0.21 -1.61 -2.51
C CYS A 14 -0.68 -2.00 -3.69
N GLY A 15 -0.87 -3.28 -3.91
CA GLY A 15 -1.73 -3.72 -5.05
C GLY A 15 -1.25 -5.10 -5.53
N ASN A 16 -0.58 -5.15 -6.64
CA ASN A 16 -0.10 -6.46 -7.16
C ASN A 16 1.30 -6.74 -6.62
N ILE A 17 1.77 -5.94 -5.70
CA ILE A 17 3.13 -6.16 -5.14
C ILE A 17 3.01 -6.86 -3.79
N THR A 18 3.94 -7.72 -3.48
CA THR A 18 3.88 -8.44 -2.18
C THR A 18 4.45 -7.56 -1.06
N LYS A 19 3.66 -6.67 -0.55
CA LYS A 19 4.14 -5.77 0.55
C LYS A 19 2.97 -4.97 1.11
N CYS A 20 3.16 -4.37 2.25
CA CYS A 20 2.05 -3.56 2.86
C CYS A 20 2.66 -2.37 3.58
N LEU A 21 1.99 -1.24 3.55
CA LEU A 21 2.55 -0.04 4.23
C LEU A 21 1.43 0.65 5.04
N PRO A 22 1.79 1.30 6.11
CA PRO A 22 0.82 2.01 6.98
C PRO A 22 0.14 3.18 6.26
N GLN A 23 -1.03 3.56 6.69
CA GLN A 23 -1.74 4.68 6.02
C GLN A 23 -0.87 5.94 6.06
N LEU A 24 0.05 6.01 6.99
CA LEU A 24 0.92 7.22 7.08
C LEU A 24 1.59 7.48 5.72
N LEU A 25 1.99 6.43 5.04
CA LEU A 25 2.66 6.62 3.73
C LEU A 25 1.60 6.65 2.62
N HIS A 26 0.35 6.80 2.97
CA HIS A 26 -0.72 6.84 1.94
C HIS A 26 -0.74 8.22 1.29
N CYS A 27 -0.48 8.29 0.00
CA CYS A 27 -0.49 9.60 -0.69
C CYS A 27 0.29 10.63 0.14
N ASN A 28 1.39 10.22 0.71
CA ASN A 28 2.20 11.17 1.53
C ASN A 28 3.21 11.89 0.63
N GLY A 29 3.12 11.68 -0.65
CA GLY A 29 4.07 12.36 -1.59
C GLY A 29 5.45 11.72 -1.48
N VAL A 30 5.50 10.45 -1.21
CA VAL A 30 6.82 9.76 -1.08
C VAL A 30 6.77 8.43 -1.84
N ASP A 31 7.82 8.11 -2.56
CA ASP A 31 7.83 6.83 -3.31
C ASP A 31 8.18 5.68 -2.36
N ASP A 32 7.37 4.65 -2.33
CA ASP A 32 7.66 3.51 -1.43
C ASP A 32 7.19 2.20 -2.08
N CYS A 33 5.93 2.12 -2.41
CA CYS A 33 5.41 0.88 -3.05
C CYS A 33 6.22 0.60 -4.32
N GLY A 34 6.81 1.61 -4.90
CA GLY A 34 7.60 1.40 -6.13
C GLY A 34 6.75 1.71 -7.37
N ASN A 35 5.56 1.19 -7.42
CA ASN A 35 4.68 1.46 -8.59
C ASN A 35 3.84 2.71 -8.31
N GLN A 36 4.12 3.40 -7.23
CA GLN A 36 3.35 4.64 -6.91
C GLN A 36 1.85 4.31 -6.93
N ALA A 37 1.48 3.14 -6.47
CA ALA A 37 0.04 2.77 -6.47
C ALA A 37 -0.67 3.50 -5.32
N ASP A 38 0.07 3.88 -4.30
CA ASP A 38 -0.55 4.59 -3.16
C ASP A 38 -0.74 6.07 -3.52
N GLU A 39 0.14 6.61 -4.32
CA GLU A 39 0.01 8.05 -4.70
C GLU A 39 -1.13 8.22 -5.70
N ASP A 40 -1.30 7.27 -6.58
CA ASP A 40 -2.40 7.39 -7.59
C ASP A 40 -3.68 6.76 -7.01
N ASN A 41 -4.80 6.97 -7.66
CA ASN A 41 -6.06 6.38 -7.15
C ASN A 41 -6.10 6.47 -5.63
N CYS A 42 -5.75 7.61 -5.09
CA CYS A 42 -5.77 7.77 -3.60
C CYS A 42 -7.18 7.49 -3.08
N GLY A 43 -8.18 7.79 -3.86
CA GLY A 43 -9.58 7.55 -3.40
C GLY A 43 -10.56 7.96 -4.50
N GLY A 1 -3.45 -20.53 7.07
CA GLY A 1 -3.38 -19.13 6.45
C GLY A 1 -2.05 -18.48 6.28
N SER A 2 -1.06 -18.90 7.03
CA SER A 2 0.29 -18.29 6.90
C SER A 2 0.17 -16.77 6.94
N GLN A 3 1.26 -16.07 6.80
CA GLN A 3 1.21 -14.58 6.83
C GLN A 3 2.15 -14.02 5.77
N ASP A 4 2.37 -14.74 4.71
CA ASP A 4 3.28 -14.24 3.64
C ASP A 4 2.56 -13.16 2.82
N VAL A 5 1.31 -12.94 3.08
CA VAL A 5 0.56 -11.90 2.33
C VAL A 5 -0.50 -11.28 3.23
N LYS A 6 -0.52 -11.63 4.48
CA LYS A 6 -1.53 -11.06 5.41
C LYS A 6 -1.01 -9.73 5.97
N CYS A 7 -1.80 -8.69 5.89
CA CYS A 7 -1.36 -7.38 6.42
C CYS A 7 -2.10 -7.08 7.74
N SER A 8 -1.54 -6.24 8.56
CA SER A 8 -2.21 -5.92 9.85
C SER A 8 -3.34 -4.90 9.61
N LEU A 9 -4.09 -4.59 10.62
CA LEU A 9 -5.20 -3.60 10.44
C LEU A 9 -4.62 -2.21 10.30
N GLY A 10 -5.18 -1.41 9.43
CA GLY A 10 -4.65 -0.02 9.23
C GLY A 10 -3.63 -0.02 8.09
N TYR A 11 -3.40 -1.15 7.48
CA TYR A 11 -2.42 -1.21 6.36
C TYR A 11 -3.12 -1.67 5.09
N PHE A 12 -2.59 -1.34 3.95
CA PHE A 12 -3.22 -1.76 2.67
C PHE A 12 -2.13 -2.13 1.66
N PRO A 13 -2.41 -3.10 0.82
CA PRO A 13 -1.45 -3.56 -0.22
C PRO A 13 -1.30 -2.54 -1.36
N CYS A 14 -0.13 -2.46 -1.95
CA CYS A 14 0.07 -1.50 -3.07
C CYS A 14 -0.33 -2.15 -4.39
N GLY A 15 -1.46 -2.79 -4.44
CA GLY A 15 -1.90 -3.45 -5.70
C GLY A 15 -1.30 -4.85 -5.78
N ASN A 16 -1.13 -5.36 -6.97
CA ASN A 16 -0.55 -6.73 -7.11
C ASN A 16 0.74 -6.83 -6.30
N ILE A 17 1.40 -5.72 -6.08
CA ILE A 17 2.66 -5.74 -5.29
C ILE A 17 2.40 -6.41 -3.94
N THR A 18 3.24 -7.33 -3.55
CA THR A 18 3.05 -8.01 -2.24
C THR A 18 3.67 -7.17 -1.13
N LYS A 19 3.19 -5.98 -0.91
CA LYS A 19 3.77 -5.11 0.15
C LYS A 19 2.66 -4.27 0.78
N CYS A 20 2.57 -4.24 2.08
CA CYS A 20 1.51 -3.44 2.74
C CYS A 20 2.17 -2.28 3.51
N LEU A 21 1.54 -1.14 3.53
CA LEU A 21 2.12 0.02 4.24
C LEU A 21 1.03 0.76 5.01
N PRO A 22 1.37 1.36 6.11
CA PRO A 22 0.40 2.12 6.96
C PRO A 22 -0.16 3.34 6.25
N GLN A 23 -1.32 3.79 6.63
CA GLN A 23 -1.93 4.97 5.97
C GLN A 23 -0.97 6.16 6.08
N LEU A 24 -0.09 6.13 7.03
CA LEU A 24 0.87 7.27 7.20
C LEU A 24 1.59 7.52 5.87
N LEU A 25 1.91 6.47 5.15
CA LEU A 25 2.62 6.66 3.85
C LEU A 25 1.61 6.79 2.72
N HIS A 26 0.38 7.05 3.05
CA HIS A 26 -0.66 7.20 1.97
C HIS A 26 -0.62 8.63 1.44
N CYS A 27 -0.51 8.79 0.15
CA CYS A 27 -0.47 10.15 -0.44
C CYS A 27 0.56 11.00 0.30
N ASN A 28 1.62 10.39 0.77
CA ASN A 28 2.66 11.16 1.50
C ASN A 28 3.62 11.79 0.51
N GLY A 29 3.38 11.61 -0.76
CA GLY A 29 4.27 12.22 -1.79
C GLY A 29 5.63 11.50 -1.76
N VAL A 30 5.65 10.27 -1.33
CA VAL A 30 6.94 9.52 -1.27
C VAL A 30 6.78 8.17 -1.97
N ASP A 31 7.75 7.77 -2.73
CA ASP A 31 7.65 6.46 -3.44
C ASP A 31 8.20 5.36 -2.54
N ASP A 32 7.34 4.60 -1.91
CA ASP A 32 7.82 3.51 -1.02
C ASP A 32 7.63 2.16 -1.72
N CYS A 33 6.41 1.84 -2.09
CA CYS A 33 6.16 0.55 -2.77
C CYS A 33 6.92 0.52 -4.11
N GLY A 34 7.19 1.66 -4.67
CA GLY A 34 7.94 1.70 -5.95
C GLY A 34 6.95 1.77 -7.12
N ASN A 35 5.80 1.17 -6.97
CA ASN A 35 4.80 1.22 -8.07
C ASN A 35 3.97 2.50 -7.97
N GLN A 36 4.32 3.36 -7.05
CA GLN A 36 3.55 4.62 -6.90
C GLN A 36 2.06 4.32 -6.85
N ALA A 37 1.71 3.10 -6.55
CA ALA A 37 0.27 2.73 -6.47
C ALA A 37 -0.40 3.48 -5.32
N ASP A 38 0.30 3.65 -4.23
CA ASP A 38 -0.28 4.37 -3.07
C ASP A 38 -0.56 5.82 -3.45
N GLU A 39 0.24 6.37 -4.32
CA GLU A 39 0.02 7.79 -4.74
C GLU A 39 -1.15 7.84 -5.73
N ASP A 40 -1.34 6.81 -6.49
CA ASP A 40 -2.46 6.81 -7.48
C ASP A 40 -3.78 6.60 -6.75
N ASN A 41 -4.10 7.47 -5.82
CA ASN A 41 -5.38 7.32 -5.08
C ASN A 41 -5.60 8.56 -4.21
N CYS A 42 -5.01 9.67 -4.57
CA CYS A 42 -5.18 10.90 -3.77
C CYS A 42 -6.29 11.77 -4.38
N GLY A 43 -6.86 12.65 -3.62
CA GLY A 43 -7.94 13.52 -4.16
C GLY A 43 -8.08 14.77 -3.31
N GLY A 1 -4.03 -17.79 -0.30
CA GLY A 1 -2.79 -17.46 -1.13
C GLY A 1 -1.62 -18.39 -1.11
N SER A 2 -0.97 -18.56 -2.23
CA SER A 2 0.21 -19.47 -2.27
C SER A 2 1.26 -19.01 -1.25
N GLN A 3 1.40 -17.73 -1.07
CA GLN A 3 2.40 -17.22 -0.09
C GLN A 3 2.04 -15.78 0.29
N ASP A 4 0.88 -15.33 -0.07
CA ASP A 4 0.47 -13.94 0.28
C ASP A 4 0.32 -13.82 1.80
N VAL A 5 0.73 -12.72 2.36
CA VAL A 5 0.62 -12.54 3.83
C VAL A 5 -0.55 -11.59 4.15
N LYS A 6 -1.36 -11.92 5.11
CA LYS A 6 -2.50 -11.04 5.46
C LYS A 6 -2.00 -9.85 6.28
N CYS A 7 -2.41 -8.66 5.93
CA CYS A 7 -1.96 -7.46 6.68
C CYS A 7 -3.05 -7.06 7.67
N SER A 8 -2.68 -6.71 8.88
CA SER A 8 -3.70 -6.32 9.89
C SER A 8 -4.27 -4.94 9.53
N LEU A 9 -5.22 -4.48 10.27
CA LEU A 9 -5.82 -3.15 9.98
C LEU A 9 -4.76 -2.06 10.11
N GLY A 10 -4.99 -0.92 9.52
CA GLY A 10 -3.97 0.18 9.60
C GLY A 10 -2.98 0.05 8.45
N TYR A 11 -3.05 -1.03 7.72
CA TYR A 11 -2.11 -1.21 6.58
C TYR A 11 -2.89 -1.63 5.33
N PHE A 12 -2.39 -1.30 4.17
CA PHE A 12 -3.10 -1.67 2.92
C PHE A 12 -2.09 -1.99 1.82
N PRO A 13 -2.42 -2.91 0.96
CA PRO A 13 -1.54 -3.33 -0.18
C PRO A 13 -1.44 -2.24 -1.26
N CYS A 14 -0.32 -2.15 -1.92
CA CYS A 14 -0.17 -1.12 -2.98
C CYS A 14 -0.78 -1.64 -4.28
N GLY A 15 -1.11 -2.91 -4.34
CA GLY A 15 -1.70 -3.47 -5.57
C GLY A 15 -1.23 -4.92 -5.76
N ASN A 16 -0.68 -5.22 -6.91
CA ASN A 16 -0.20 -6.62 -7.14
C ASN A 16 1.18 -6.79 -6.50
N ILE A 17 1.63 -5.81 -5.75
CA ILE A 17 2.96 -5.93 -5.10
C ILE A 17 2.82 -6.63 -3.75
N THR A 18 3.65 -7.60 -3.49
CA THR A 18 3.55 -8.33 -2.20
C THR A 18 4.15 -7.47 -1.08
N LYS A 19 3.38 -6.59 -0.51
CA LYS A 19 3.91 -5.73 0.59
C LYS A 19 2.76 -4.93 1.21
N CYS A 20 2.96 -4.36 2.36
CA CYS A 20 1.88 -3.57 3.01
C CYS A 20 2.51 -2.35 3.68
N LEU A 21 1.86 -1.22 3.65
CA LEU A 21 2.42 0.00 4.28
C LEU A 21 1.32 0.72 5.06
N PRO A 22 1.69 1.38 6.13
CA PRO A 22 0.73 2.13 6.98
C PRO A 22 0.09 3.31 6.25
N GLN A 23 -1.05 3.76 6.70
CA GLN A 23 -1.72 4.90 6.02
C GLN A 23 -0.80 6.13 6.04
N LEU A 24 0.11 6.17 6.97
CA LEU A 24 1.02 7.35 7.05
C LEU A 24 1.76 7.52 5.72
N LEU A 25 2.07 6.44 5.07
CA LEU A 25 2.79 6.55 3.76
C LEU A 25 1.79 6.54 2.61
N HIS A 26 0.52 6.67 2.91
CA HIS A 26 -0.50 6.68 1.84
C HIS A 26 -0.65 8.09 1.28
N CYS A 27 -0.44 8.26 0.00
CA CYS A 27 -0.58 9.62 -0.60
C CYS A 27 0.26 10.61 0.20
N ASN A 28 1.35 10.18 0.78
CA ASN A 28 2.21 11.10 1.57
C ASN A 28 3.20 11.79 0.63
N GLY A 29 3.07 11.59 -0.65
CA GLY A 29 3.99 12.25 -1.61
C GLY A 29 5.39 11.65 -1.47
N VAL A 30 5.48 10.35 -1.29
CA VAL A 30 6.81 9.72 -1.15
C VAL A 30 6.81 8.37 -1.90
N ASP A 31 7.89 8.07 -2.57
CA ASP A 31 7.95 6.78 -3.32
C ASP A 31 8.36 5.65 -2.35
N ASP A 32 7.58 4.62 -2.29
CA ASP A 32 7.92 3.49 -1.37
C ASP A 32 7.65 2.15 -2.07
N CYS A 33 6.42 1.92 -2.46
CA CYS A 33 6.09 0.64 -3.15
C CYS A 33 6.81 0.60 -4.50
N GLY A 34 7.17 1.73 -5.04
CA GLY A 34 7.89 1.75 -6.35
C GLY A 34 6.89 1.86 -7.48
N ASN A 35 5.72 1.28 -7.32
CA ASN A 35 4.69 1.36 -8.40
C ASN A 35 3.87 2.64 -8.23
N GLN A 36 4.23 3.46 -7.28
CA GLN A 36 3.48 4.72 -7.06
C GLN A 36 1.97 4.41 -7.02
N ALA A 37 1.62 3.18 -6.82
CA ALA A 37 0.17 2.82 -6.77
C ALA A 37 -0.49 3.50 -5.58
N ASP A 38 0.21 3.59 -4.48
CA ASP A 38 -0.38 4.24 -3.27
C ASP A 38 -0.58 5.74 -3.55
N GLU A 39 0.23 6.30 -4.39
CA GLU A 39 0.08 7.75 -4.71
C GLU A 39 -1.00 7.94 -5.78
N ASP A 40 -1.72 6.90 -6.09
CA ASP A 40 -2.79 7.02 -7.13
C ASP A 40 -3.82 8.05 -6.68
N ASN A 41 -4.46 8.70 -7.61
CA ASN A 41 -5.49 9.71 -7.23
C ASN A 41 -4.97 10.54 -6.05
N CYS A 42 -3.72 10.93 -6.09
CA CYS A 42 -3.17 11.74 -4.97
C CYS A 42 -2.05 12.65 -5.50
N GLY A 43 -1.67 12.47 -6.74
CA GLY A 43 -0.59 13.31 -7.33
C GLY A 43 -0.62 13.20 -8.84
N GLY A 1 -14.68 -8.66 -5.80
CA GLY A 1 -13.55 -7.68 -5.46
C GLY A 1 -12.15 -8.17 -5.40
N SER A 2 -11.19 -7.27 -5.41
CA SER A 2 -9.77 -7.70 -5.34
C SER A 2 -9.54 -8.52 -4.08
N GLN A 3 -10.20 -8.17 -3.01
CA GLN A 3 -10.01 -8.93 -1.74
C GLN A 3 -8.52 -9.15 -1.49
N ASP A 4 -8.09 -10.39 -1.49
CA ASP A 4 -6.65 -10.67 -1.26
C ASP A 4 -6.16 -9.89 -0.03
N VAL A 5 -6.89 -9.96 1.05
CA VAL A 5 -6.47 -9.22 2.28
C VAL A 5 -5.54 -10.10 3.11
N LYS A 6 -4.43 -9.56 3.54
CA LYS A 6 -3.49 -10.37 4.37
C LYS A 6 -2.48 -9.44 5.04
N CYS A 7 -2.94 -8.35 5.60
CA CYS A 7 -2.00 -7.40 6.27
C CYS A 7 -2.61 -6.94 7.60
N SER A 8 -1.79 -6.49 8.51
CA SER A 8 -2.32 -6.03 9.83
C SER A 8 -3.33 -4.92 9.61
N LEU A 9 -4.12 -4.61 10.60
CA LEU A 9 -5.12 -3.52 10.46
C LEU A 9 -4.41 -2.17 10.36
N GLY A 10 -4.93 -1.26 9.58
CA GLY A 10 -4.28 0.07 9.44
C GLY A 10 -3.28 0.02 8.28
N TYR A 11 -3.13 -1.11 7.65
CA TYR A 11 -2.16 -1.22 6.52
C TYR A 11 -2.91 -1.65 5.26
N PHE A 12 -2.45 -1.21 4.11
CA PHE A 12 -3.14 -1.60 2.84
C PHE A 12 -2.09 -2.00 1.81
N PRO A 13 -2.42 -2.94 0.96
CA PRO A 13 -1.51 -3.43 -0.10
C PRO A 13 -1.30 -2.39 -1.21
N CYS A 14 -0.12 -2.33 -1.76
CA CYS A 14 0.14 -1.34 -2.84
C CYS A 14 -0.66 -1.72 -4.10
N GLY A 15 -1.05 -2.96 -4.19
CA GLY A 15 -1.84 -3.41 -5.39
C GLY A 15 -1.48 -4.85 -5.72
N ASN A 16 -0.85 -5.07 -6.83
CA ASN A 16 -0.47 -6.47 -7.22
C ASN A 16 0.89 -6.82 -6.60
N ILE A 17 1.37 -5.99 -5.71
CA ILE A 17 2.69 -6.27 -5.08
C ILE A 17 2.47 -6.82 -3.67
N THR A 18 3.22 -7.82 -3.30
CA THR A 18 3.05 -8.40 -1.93
C THR A 18 3.69 -7.46 -0.90
N LYS A 19 3.23 -6.25 -0.83
CA LYS A 19 3.81 -5.29 0.15
C LYS A 19 2.68 -4.47 0.79
N CYS A 20 2.77 -4.22 2.07
CA CYS A 20 1.70 -3.44 2.75
C CYS A 20 2.36 -2.27 3.50
N LEU A 21 1.72 -1.14 3.52
CA LEU A 21 2.30 0.04 4.23
C LEU A 21 1.20 0.77 5.01
N PRO A 22 1.56 1.38 6.10
CA PRO A 22 0.61 2.12 6.96
C PRO A 22 -0.04 3.31 6.22
N GLN A 23 -1.21 3.71 6.64
CA GLN A 23 -1.88 4.85 5.96
C GLN A 23 -0.98 6.07 5.99
N LEU A 24 -0.08 6.14 6.94
CA LEU A 24 0.83 7.32 7.02
C LEU A 24 1.53 7.52 5.67
N LEU A 25 1.88 6.45 5.01
CA LEU A 25 2.58 6.59 3.69
C LEU A 25 1.54 6.58 2.56
N HIS A 26 0.30 6.86 2.88
CA HIS A 26 -0.74 6.87 1.82
C HIS A 26 -0.73 8.23 1.11
N CYS A 27 -0.39 8.24 -0.15
CA CYS A 27 -0.35 9.51 -0.91
C CYS A 27 0.38 10.58 -0.09
N ASN A 28 1.40 10.18 0.62
CA ASN A 28 2.16 11.15 1.45
C ASN A 28 3.23 11.84 0.58
N GLY A 29 3.20 11.60 -0.70
CA GLY A 29 4.20 12.24 -1.60
C GLY A 29 5.57 11.57 -1.41
N VAL A 30 5.57 10.31 -1.05
CA VAL A 30 6.86 9.60 -0.86
C VAL A 30 6.85 8.29 -1.65
N ASP A 31 7.94 7.94 -2.27
CA ASP A 31 7.99 6.68 -3.04
C ASP A 31 8.32 5.52 -2.11
N ASP A 32 7.46 4.53 -2.04
CA ASP A 32 7.74 3.37 -1.15
C ASP A 32 7.24 2.08 -1.82
N CYS A 33 6.04 2.10 -2.33
CA CYS A 33 5.49 0.89 -3.00
C CYS A 33 6.42 0.46 -4.15
N GLY A 34 7.09 1.42 -4.75
CA GLY A 34 7.99 1.08 -5.88
C GLY A 34 7.24 1.18 -7.21
N ASN A 35 5.98 1.55 -7.15
CA ASN A 35 5.19 1.68 -8.41
C ASN A 35 4.29 2.91 -8.32
N GLN A 36 4.51 3.76 -7.35
CA GLN A 36 3.67 4.97 -7.20
C GLN A 36 2.19 4.57 -7.19
N ALA A 37 1.91 3.34 -6.84
CA ALA A 37 0.49 2.88 -6.81
C ALA A 37 -0.23 3.56 -5.63
N ASP A 38 0.44 3.72 -4.53
CA ASP A 38 -0.20 4.36 -3.35
C ASP A 38 -0.52 5.81 -3.67
N GLU A 39 0.26 6.44 -4.51
CA GLU A 39 0.00 7.86 -4.87
C GLU A 39 -1.13 7.92 -5.90
N ASP A 40 -1.81 6.83 -6.12
CA ASP A 40 -2.92 6.83 -7.11
C ASP A 40 -4.11 7.60 -6.53
N ASN A 41 -5.11 7.86 -7.33
CA ASN A 41 -6.29 8.61 -6.84
C ASN A 41 -5.83 9.76 -5.92
N CYS A 42 -4.73 10.39 -6.26
CA CYS A 42 -4.23 11.50 -5.41
C CYS A 42 -3.57 12.55 -6.30
N GLY A 43 -3.49 12.30 -7.58
CA GLY A 43 -2.84 13.29 -8.49
C GLY A 43 -3.19 12.93 -9.95
N GLY A 1 -0.77 -12.15 -3.95
CA GLY A 1 -0.23 -13.58 -3.93
C GLY A 1 -0.75 -14.53 -2.92
N SER A 2 -0.88 -15.79 -3.27
CA SER A 2 -1.40 -16.79 -2.29
C SER A 2 -0.40 -16.93 -1.15
N GLN A 3 0.82 -16.52 -1.34
CA GLN A 3 1.84 -16.62 -0.26
C GLN A 3 1.32 -15.91 0.98
N ASP A 4 0.61 -14.82 0.81
CA ASP A 4 0.09 -14.07 1.99
C ASP A 4 -1.00 -13.11 1.54
N VAL A 5 -2.10 -13.04 2.25
CA VAL A 5 -3.19 -12.12 1.86
C VAL A 5 -3.76 -11.45 3.11
N LYS A 6 -4.42 -10.33 2.94
CA LYS A 6 -5.00 -9.63 4.12
C LYS A 6 -3.88 -9.15 5.03
N CYS A 7 -3.68 -7.86 5.13
CA CYS A 7 -2.60 -7.32 6.00
C CYS A 7 -3.20 -6.88 7.34
N SER A 8 -2.39 -6.66 8.33
CA SER A 8 -2.91 -6.24 9.65
C SER A 8 -3.74 -4.97 9.50
N LEU A 9 -4.53 -4.64 10.48
CA LEU A 9 -5.36 -3.41 10.38
C LEU A 9 -4.47 -2.18 10.38
N GLY A 10 -4.86 -1.13 9.69
CA GLY A 10 -4.02 0.10 9.65
C GLY A 10 -2.99 -0.02 8.53
N TYR A 11 -3.03 -1.10 7.80
CA TYR A 11 -2.05 -1.27 6.68
C TYR A 11 -2.80 -1.67 5.41
N PHE A 12 -2.27 -1.35 4.26
CA PHE A 12 -2.94 -1.72 2.99
C PHE A 12 -1.90 -2.09 1.93
N PRO A 13 -2.22 -3.01 1.07
CA PRO A 13 -1.30 -3.47 -0.01
C PRO A 13 -1.13 -2.40 -1.10
N CYS A 14 0.03 -2.35 -1.71
CA CYS A 14 0.26 -1.34 -2.78
C CYS A 14 -0.70 -1.61 -3.95
N GLY A 15 -1.14 -2.83 -4.10
CA GLY A 15 -2.06 -3.16 -5.21
C GLY A 15 -1.79 -4.58 -5.71
N ASN A 16 -0.74 -4.76 -6.46
CA ASN A 16 -0.41 -6.12 -6.97
C ASN A 16 0.97 -6.54 -6.45
N ILE A 17 1.47 -5.86 -5.46
CA ILE A 17 2.82 -6.21 -4.92
C ILE A 17 2.66 -6.78 -3.50
N THR A 18 3.38 -7.82 -3.18
CA THR A 18 3.27 -8.41 -1.82
C THR A 18 3.91 -7.46 -0.81
N LYS A 19 3.41 -6.26 -0.71
CA LYS A 19 4.00 -5.28 0.26
C LYS A 19 2.87 -4.46 0.88
N CYS A 20 2.91 -4.27 2.17
CA CYS A 20 1.84 -3.48 2.84
C CYS A 20 2.49 -2.31 3.59
N LEU A 21 1.85 -1.18 3.61
CA LEU A 21 2.42 0.00 4.32
C LEU A 21 1.31 0.72 5.09
N PRO A 22 1.65 1.33 6.19
CA PRO A 22 0.68 2.07 7.05
C PRO A 22 0.04 3.24 6.31
N GLN A 23 -1.13 3.65 6.73
CA GLN A 23 -1.81 4.79 6.05
C GLN A 23 -0.92 6.03 6.10
N LEU A 24 -0.03 6.08 7.05
CA LEU A 24 0.87 7.27 7.18
C LEU A 24 1.61 7.48 5.85
N LEU A 25 1.98 6.42 5.19
CA LEU A 25 2.72 6.56 3.90
C LEU A 25 1.73 6.56 2.74
N HIS A 26 0.46 6.68 3.03
CA HIS A 26 -0.55 6.69 1.93
C HIS A 26 -0.69 8.11 1.39
N CYS A 27 -0.49 8.27 0.10
CA CYS A 27 -0.62 9.64 -0.50
C CYS A 27 0.24 10.63 0.31
N ASN A 28 1.30 10.16 0.91
CA ASN A 28 2.16 11.07 1.70
C ASN A 28 3.18 11.75 0.78
N GLY A 29 3.07 11.53 -0.50
CA GLY A 29 4.02 12.17 -1.45
C GLY A 29 5.39 11.52 -1.32
N VAL A 30 5.43 10.23 -1.15
CA VAL A 30 6.74 9.53 -1.02
C VAL A 30 6.72 8.26 -1.85
N ASP A 31 7.80 7.96 -2.53
CA ASP A 31 7.86 6.73 -3.36
C ASP A 31 8.29 5.55 -2.50
N ASP A 32 7.37 4.70 -2.12
CA ASP A 32 7.74 3.53 -1.27
C ASP A 32 7.38 2.24 -2.01
N CYS A 33 6.14 2.12 -2.45
CA CYS A 33 5.74 0.89 -3.17
C CYS A 33 6.60 0.72 -4.43
N GLY A 34 7.10 1.81 -4.96
CA GLY A 34 7.94 1.71 -6.19
C GLY A 34 7.06 1.88 -7.43
N ASN A 35 5.91 1.25 -7.44
CA ASN A 35 5.01 1.38 -8.63
C ASN A 35 4.15 2.63 -8.48
N GLN A 36 4.41 3.43 -7.47
CA GLN A 36 3.61 4.67 -7.29
C GLN A 36 2.13 4.32 -7.28
N ALA A 37 1.78 3.13 -6.89
CA ALA A 37 0.35 2.72 -6.85
C ALA A 37 -0.36 3.46 -5.72
N ASP A 38 0.31 3.65 -4.61
CA ASP A 38 -0.33 4.36 -3.46
C ASP A 38 -0.58 5.82 -3.85
N GLU A 39 0.26 6.37 -4.69
CA GLU A 39 0.06 7.79 -5.10
C GLU A 39 -0.86 7.84 -6.32
N ASP A 40 -1.55 6.78 -6.61
CA ASP A 40 -2.46 6.76 -7.78
C ASP A 40 -3.76 7.49 -7.44
N ASN A 41 -4.09 8.52 -8.17
CA ASN A 41 -5.35 9.26 -7.89
C ASN A 41 -5.54 9.39 -6.38
N CYS A 42 -4.87 10.34 -5.76
CA CYS A 42 -5.01 10.52 -4.29
C CYS A 42 -6.13 11.52 -4.00
N GLY A 43 -6.70 11.48 -2.83
CA GLY A 43 -7.79 12.43 -2.50
C GLY A 43 -8.02 12.43 -0.99
N GLY A 1 -7.09 -22.45 2.32
CA GLY A 1 -7.31 -20.94 2.22
C GLY A 1 -6.33 -20.02 2.87
N SER A 2 -5.42 -20.56 3.64
CA SER A 2 -4.41 -19.69 4.32
C SER A 2 -5.14 -18.53 5.02
N GLN A 3 -4.39 -17.62 5.60
CA GLN A 3 -5.03 -16.47 6.29
C GLN A 3 -5.28 -15.35 5.30
N ASP A 4 -6.50 -14.90 5.18
CA ASP A 4 -6.82 -13.81 4.23
C ASP A 4 -6.15 -12.51 4.69
N VAL A 5 -5.68 -11.71 3.79
CA VAL A 5 -5.02 -10.43 4.18
C VAL A 5 -3.96 -10.71 5.25
N LYS A 6 -2.72 -10.83 4.86
CA LYS A 6 -1.64 -11.10 5.85
C LYS A 6 -1.13 -9.78 6.42
N CYS A 7 -1.81 -8.70 6.15
CA CYS A 7 -1.36 -7.38 6.67
C CYS A 7 -2.19 -7.03 7.91
N SER A 8 -1.67 -6.20 8.77
CA SER A 8 -2.43 -5.82 10.00
C SER A 8 -3.48 -4.77 9.64
N LEU A 9 -4.26 -4.35 10.60
CA LEU A 9 -5.30 -3.33 10.31
C LEU A 9 -4.64 -1.95 10.14
N GLY A 10 -5.14 -1.16 9.23
CA GLY A 10 -4.53 0.18 9.01
C GLY A 10 -3.49 0.09 7.89
N TYR A 11 -3.29 -1.07 7.33
CA TYR A 11 -2.30 -1.22 6.24
C TYR A 11 -3.00 -1.75 4.98
N PHE A 12 -2.46 -1.45 3.83
CA PHE A 12 -3.09 -1.94 2.57
C PHE A 12 -2.00 -2.26 1.55
N PRO A 13 -2.23 -3.26 0.74
CA PRO A 13 -1.27 -3.68 -0.31
C PRO A 13 -1.22 -2.70 -1.49
N CYS A 14 -0.08 -2.51 -2.08
CA CYS A 14 0.03 -1.57 -3.23
C CYS A 14 -0.18 -2.34 -4.54
N GLY A 15 -1.40 -2.59 -4.91
CA GLY A 15 -1.66 -3.33 -6.18
C GLY A 15 -1.40 -4.82 -5.96
N ASN A 16 -0.90 -5.49 -6.95
CA ASN A 16 -0.62 -6.94 -6.80
C ASN A 16 0.75 -7.14 -6.15
N ILE A 17 1.33 -6.08 -5.64
CA ILE A 17 2.67 -6.20 -5.00
C ILE A 17 2.49 -6.77 -3.59
N THR A 18 3.35 -7.67 -3.20
CA THR A 18 3.24 -8.26 -1.84
C THR A 18 3.90 -7.33 -0.81
N LYS A 19 3.38 -6.14 -0.68
CA LYS A 19 3.97 -5.17 0.29
C LYS A 19 2.86 -4.34 0.93
N CYS A 20 2.78 -4.32 2.23
CA CYS A 20 1.71 -3.52 2.89
C CYS A 20 2.35 -2.33 3.65
N LEU A 21 1.69 -1.21 3.65
CA LEU A 21 2.24 -0.03 4.35
C LEU A 21 1.12 0.70 5.09
N PRO A 22 1.44 1.33 6.18
CA PRO A 22 0.44 2.09 7.00
C PRO A 22 -0.16 3.28 6.24
N GLN A 23 -1.35 3.69 6.59
CA GLN A 23 -1.98 4.83 5.88
C GLN A 23 -1.08 6.06 5.97
N LEU A 24 -0.19 6.08 6.92
CA LEU A 24 0.73 7.25 7.07
C LEU A 24 1.47 7.48 5.76
N LEU A 25 1.86 6.43 5.09
CA LEU A 25 2.62 6.59 3.82
C LEU A 25 1.64 6.64 2.65
N HIS A 26 0.38 6.85 2.93
CA HIS A 26 -0.63 6.91 1.82
C HIS A 26 -0.64 8.32 1.23
N CYS A 27 -0.43 8.44 -0.05
CA CYS A 27 -0.43 9.78 -0.69
C CYS A 27 0.47 10.73 0.12
N ASN A 28 1.51 10.22 0.70
CA ASN A 28 2.42 11.08 1.50
C ASN A 28 3.45 11.73 0.57
N GLY A 29 3.31 11.52 -0.71
CA GLY A 29 4.29 12.13 -1.67
C GLY A 29 5.65 11.44 -1.53
N VAL A 30 5.64 10.16 -1.27
CA VAL A 30 6.94 9.42 -1.12
C VAL A 30 6.87 8.12 -1.91
N ASP A 31 7.92 7.79 -2.62
CA ASP A 31 7.92 6.53 -3.40
C ASP A 31 8.34 5.36 -2.50
N ASP A 32 7.39 4.56 -2.08
CA ASP A 32 7.73 3.42 -1.19
C ASP A 32 7.37 2.11 -1.90
N CYS A 33 6.13 1.95 -2.28
CA CYS A 33 5.72 0.69 -2.96
C CYS A 33 6.49 0.55 -4.27
N GLY A 34 7.02 1.63 -4.78
CA GLY A 34 7.79 1.56 -6.06
C GLY A 34 6.86 1.87 -7.23
N ASN A 35 5.70 1.26 -7.27
CA ASN A 35 4.76 1.52 -8.38
C ASN A 35 3.97 2.80 -8.09
N GLN A 36 4.27 3.46 -7.02
CA GLN A 36 3.55 4.72 -6.68
C GLN A 36 2.04 4.45 -6.73
N ALA A 37 1.62 3.25 -6.42
CA ALA A 37 0.16 2.95 -6.45
C ALA A 37 -0.54 3.73 -5.33
N ASP A 38 0.07 3.85 -4.20
CA ASP A 38 -0.57 4.60 -3.08
C ASP A 38 -0.67 6.08 -3.46
N GLU A 39 0.25 6.57 -4.26
CA GLU A 39 0.21 8.00 -4.66
C GLU A 39 -0.84 8.19 -5.76
N ASP A 40 -1.61 7.17 -6.05
CA ASP A 40 -2.65 7.29 -7.11
C ASP A 40 -3.67 8.34 -6.70
N ASN A 41 -4.35 8.92 -7.65
CA ASN A 41 -5.37 9.96 -7.31
C ASN A 41 -4.83 10.87 -6.21
N CYS A 42 -3.56 11.14 -6.23
CA CYS A 42 -2.97 12.03 -5.19
C CYS A 42 -1.83 12.85 -5.80
N GLY A 43 -1.47 13.94 -5.17
CA GLY A 43 -0.38 14.79 -5.72
C GLY A 43 0.96 14.09 -5.49
#